data_5KIW
#
_entry.id   5KIW
#
_cell.length_a   153.772
_cell.length_b   153.772
_cell.length_c   240.641
_cell.angle_alpha   90.00
_cell.angle_beta   90.00
_cell.angle_gamma   120.00
#
_symmetry.space_group_name_H-M   'P 6 2 2'
#
loop_
_entity.id
_entity.type
_entity.pdbx_description
1 polymer 'Transitional endoplasmic reticulum ATPase'
2 polymer 'Selenoprotein S'
3 non-polymer 'PHOSPHOAMINOPHOSPHONIC ACID-ADENYLATE ESTER'
4 non-polymer 'MAGNESIUM ION'
5 water water
#
loop_
_entity_poly.entity_id
_entity_poly.type
_entity_poly.pdbx_seq_one_letter_code
_entity_poly.pdbx_strand_id
1 'polypeptide(L)'
;MASGADSKGDDLSTAILKQKNRPNRLIVDEAINEDNSVVSLSQPKMDELQLFRGDTVLLKGKKRREAVCIVLSDDTCSDE
KIRMNRVVRNNLRVRLGDVISIQPCPDVKYGKRIHVLPIDDTVEGITGNLFEVYLKPYFLEAYRPIRKGDIFLVRGGMRA
VEFKVVETDPSPYCIVAPDTVIHCEGEPIKREDEEESWNEVGYDDIGGCRKQLAQIKEMVELPLRHPALFKAIGVKPPRG
ILLYGPPGTGKTLIARAVANETGAFFFLINGPEIMSKLAGESESNLRKAFEEAEKNAPAIIFIDELDAIAPKREKTHGEV
ERRIVSQLLTLMDGLKQRAHVIVMAATNRPNSIDPALRRFGRFDREVDIGIPDATGRLEILQIHTKNMKLADDVDLEQVA
NETHGHVGADLAALCSEAALQAIRKKMDLIDLEDETIDAEVMNSLAVTMDDFRWALSQSNRSHHHHHH
;
A,B
2 'polypeptide(L)'
;MHHHHHHQKLSARLRALRQRQLDRAAAAVEPDVVVKRQEALAAARLKMQEELNAQVEKHKEKLKQLEEEKRRQKIEMWDS
M
;
C,D
#
loop_
_chem_comp.id
_chem_comp.type
_chem_comp.name
_chem_comp.formula
ANP non-polymer 'PHOSPHOAMINOPHOSPHONIC ACID-ADENYLATE ESTER' 'C10 H17 N6 O12 P3'
MG non-polymer 'MAGNESIUM ION' 'Mg 2'
#
# COMPACT_ATOMS: atom_id res chain seq x y z
N ASN A 21 20.20 5.83 21.23
CA ASN A 21 21.53 6.26 20.70
C ASN A 21 22.47 6.71 21.82
N ARG A 22 23.71 6.22 21.74
CA ARG A 22 24.77 6.53 22.71
C ARG A 22 26.13 6.57 21.99
N PRO A 23 27.19 7.07 22.69
CA PRO A 23 28.51 7.11 22.04
C PRO A 23 29.10 5.72 21.69
N ASN A 24 29.11 4.83 22.69
CA ASN A 24 29.79 3.53 22.63
C ASN A 24 29.02 2.39 21.92
N ARG A 25 27.84 2.68 21.40
CA ARG A 25 27.11 1.79 20.49
C ARG A 25 27.46 2.18 19.06
N LEU A 26 27.69 1.21 18.17
CA LEU A 26 28.11 1.49 16.78
C LEU A 26 27.53 0.50 15.77
N ILE A 27 27.32 0.95 14.55
CA ILE A 27 26.70 0.05 13.53
C ILE A 27 27.82 -0.80 12.90
N VAL A 28 27.56 -2.09 12.74
CA VAL A 28 28.56 -3.05 12.29
C VAL A 28 28.72 -3.04 10.78
N ASP A 29 29.95 -3.03 10.33
CA ASP A 29 30.24 -2.94 8.93
C ASP A 29 31.57 -3.66 8.64
N GLU A 30 31.70 -4.20 7.42
CA GLU A 30 32.88 -5.02 7.10
C GLU A 30 34.18 -4.23 7.22
N ALA A 31 35.25 -4.87 7.68
CA ALA A 31 36.57 -4.22 7.75
C ALA A 31 37.15 -4.25 6.37
N ILE A 32 38.13 -3.39 6.14
CA ILE A 32 38.83 -3.41 4.86
C ILE A 32 39.83 -4.58 4.82
N ASN A 33 40.69 -4.65 5.83
CA ASN A 33 41.63 -5.78 5.98
C ASN A 33 40.98 -6.96 6.69
N GLU A 34 41.57 -8.12 6.48
CA GLU A 34 41.06 -9.35 7.02
C GLU A 34 41.92 -9.82 8.17
N ASP A 35 42.17 -8.97 9.18
CA ASP A 35 42.91 -9.47 10.37
C ASP A 35 42.00 -9.70 11.55
N ASN A 36 42.17 -10.88 12.14
CA ASN A 36 41.23 -11.43 13.11
C ASN A 36 41.18 -10.68 14.42
N SER A 37 42.20 -9.87 14.69
CA SER A 37 42.18 -9.05 15.90
C SER A 37 41.92 -7.56 15.63
N VAL A 38 41.42 -7.23 14.44
CA VAL A 38 41.36 -5.81 14.02
C VAL A 38 39.96 -5.18 13.81
N VAL A 39 39.76 -4.16 14.65
CA VAL A 39 38.51 -3.41 14.67
C VAL A 39 38.81 -1.97 14.38
N SER A 40 38.36 -1.57 13.20
CA SER A 40 38.64 -0.27 12.62
C SER A 40 37.53 0.73 13.09
N LEU A 41 37.97 1.86 13.66
CA LEU A 41 37.11 3.03 13.97
C LEU A 41 37.60 4.34 13.29
N SER A 42 36.77 5.39 13.32
CA SER A 42 37.17 6.73 12.84
C SER A 42 37.76 7.57 13.97
N GLN A 43 38.87 8.27 13.67
CA GLN A 43 39.56 9.15 14.64
C GLN A 43 38.61 9.93 15.58
N PRO A 44 37.71 10.77 14.99
CA PRO A 44 36.75 11.53 15.81
C PRO A 44 36.16 10.68 16.93
N LYS A 45 35.71 9.46 16.56
CA LYS A 45 35.05 8.54 17.50
C LYS A 45 35.99 8.08 18.62
N MET A 46 37.23 7.75 18.22
CA MET A 46 38.28 7.33 19.18
C MET A 46 38.58 8.43 20.16
N ASP A 47 38.69 9.65 19.63
CA ASP A 47 38.88 10.82 20.48
C ASP A 47 37.71 10.98 21.44
N GLU A 48 36.50 11.12 20.88
CA GLU A 48 35.25 11.21 21.68
C GLU A 48 35.24 10.19 22.81
N LEU A 49 35.59 8.95 22.47
CA LEU A 49 35.59 7.84 23.43
C LEU A 49 36.84 7.70 24.34
N GLN A 50 37.89 8.50 24.12
CA GLN A 50 39.15 8.41 24.90
C GLN A 50 39.93 7.10 24.64
N LEU A 51 40.10 6.79 23.36
CA LEU A 51 40.73 5.55 22.91
C LEU A 51 41.93 5.86 22.05
N PHE A 52 43.01 5.13 22.26
CA PHE A 52 44.23 5.27 21.46
C PHE A 52 44.50 4.05 20.54
N ARG A 53 45.06 4.33 19.36
CA ARG A 53 45.39 3.32 18.34
C ARG A 53 46.02 2.14 18.99
N GLY A 54 45.49 0.96 18.76
CA GLY A 54 46.06 -0.26 19.34
C GLY A 54 45.82 -0.46 20.83
N ASP A 55 44.79 0.20 21.35
CA ASP A 55 44.23 -0.21 22.64
C ASP A 55 43.49 -1.53 22.42
N THR A 56 43.16 -2.14 23.55
CA THR A 56 42.41 -3.35 23.59
C THR A 56 40.98 -3.02 24.00
N VAL A 57 40.04 -3.51 23.20
CA VAL A 57 38.61 -3.21 23.41
C VAL A 57 37.73 -4.44 23.57
N LEU A 58 36.72 -4.24 24.45
CA LEU A 58 35.71 -5.24 24.73
C LEU A 58 34.48 -4.91 23.88
N LEU A 59 34.29 -5.72 22.85
CA LEU A 59 33.08 -5.67 22.06
C LEU A 59 32.04 -6.63 22.68
N LYS A 60 30.81 -6.15 22.86
CA LYS A 60 29.71 -7.02 23.33
C LYS A 60 28.64 -7.06 22.24
N GLY A 61 28.17 -8.27 21.90
CA GLY A 61 27.31 -8.49 20.73
C GLY A 61 25.99 -9.10 21.09
N LYS A 62 25.51 -10.01 20.25
CA LYS A 62 24.31 -10.78 20.57
C LYS A 62 24.56 -11.83 21.68
N LYS A 63 23.48 -12.32 22.30
CA LYS A 63 23.51 -13.54 23.14
C LYS A 63 24.51 -13.55 24.26
N ARG A 64 24.74 -12.37 24.85
CA ARG A 64 25.81 -12.15 25.85
C ARG A 64 27.26 -12.25 25.34
N ARG A 65 27.44 -12.67 24.09
CA ARG A 65 28.75 -12.93 23.53
C ARG A 65 29.55 -11.64 23.55
N GLU A 66 30.81 -11.77 23.91
CA GLU A 66 31.78 -10.69 23.89
C GLU A 66 32.95 -11.14 23.05
N ALA A 67 33.61 -10.20 22.39
CA ALA A 67 34.93 -10.46 21.80
C ALA A 67 35.85 -9.36 22.29
N VAL A 68 37.14 -9.67 22.28
CA VAL A 68 38.16 -8.73 22.76
C VAL A 68 39.09 -8.54 21.59
N CYS A 69 39.42 -7.28 21.34
CA CYS A 69 40.05 -6.93 20.06
C CYS A 69 41.03 -5.76 20.13
N ILE A 70 41.73 -5.55 19.02
CA ILE A 70 42.58 -4.38 18.80
C ILE A 70 41.87 -3.36 17.92
N VAL A 71 41.64 -2.22 18.55
CA VAL A 71 41.07 -1.09 17.87
C VAL A 71 42.15 -0.39 17.06
N LEU A 72 41.81 0.02 15.86
CA LEU A 72 42.70 0.83 15.05
C LEU A 72 41.91 1.92 14.34
N SER A 73 42.65 2.84 13.72
CA SER A 73 42.10 4.04 13.08
C SER A 73 42.03 3.88 11.56
N ASP A 74 40.87 4.21 10.99
CA ASP A 74 40.56 4.09 9.55
C ASP A 74 39.81 5.34 9.08
N ASP A 75 40.32 5.96 8.01
CA ASP A 75 39.74 7.18 7.46
C ASP A 75 38.36 6.89 6.88
N THR A 76 38.25 5.94 5.95
CA THR A 76 36.95 5.68 5.24
C THR A 76 35.78 5.19 6.14
N CYS A 77 36.05 4.89 7.41
CA CYS A 77 35.00 4.56 8.41
C CYS A 77 34.13 5.78 8.80
N SER A 78 32.80 5.62 8.76
CA SER A 78 31.86 6.63 9.31
C SER A 78 32.02 6.76 10.81
N ASP A 79 31.56 7.87 11.37
CA ASP A 79 31.69 8.09 12.81
C ASP A 79 30.84 7.11 13.62
N GLU A 80 29.63 6.83 13.13
CA GLU A 80 28.67 5.99 13.84
C GLU A 80 28.81 4.46 13.57
N LYS A 81 29.68 4.13 12.62
CA LYS A 81 29.96 2.74 12.28
C LYS A 81 31.23 2.18 12.94
N ILE A 82 31.40 0.87 12.76
CA ILE A 82 32.58 0.15 13.22
C ILE A 82 32.88 -0.98 12.24
N ARG A 83 34.17 -1.21 11.97
CA ARG A 83 34.52 -2.21 10.94
C ARG A 83 35.10 -3.49 11.54
N MET A 84 34.66 -4.64 11.02
CA MET A 84 35.19 -5.93 11.49
C MET A 84 34.93 -7.07 10.53
N ASN A 85 35.95 -7.86 10.36
CA ASN A 85 35.90 -9.01 9.50
C ASN A 85 35.02 -10.11 10.08
N ARG A 86 34.57 -11.01 9.20
CA ARG A 86 33.64 -12.09 9.54
C ARG A 86 33.92 -12.66 10.87
N VAL A 87 35.13 -13.15 10.99
CA VAL A 87 35.59 -13.92 12.13
C VAL A 87 35.32 -13.21 13.49
N VAL A 88 35.22 -11.87 13.48
CA VAL A 88 34.86 -11.12 14.69
C VAL A 88 33.34 -11.10 14.84
N ARG A 89 32.68 -10.71 13.77
CA ARG A 89 31.21 -10.72 13.76
C ARG A 89 30.67 -12.05 14.29
N ASN A 90 31.11 -13.14 13.67
CA ASN A 90 30.70 -14.46 14.08
C ASN A 90 30.84 -14.62 15.57
N ASN A 91 31.93 -14.15 16.17
CA ASN A 91 32.12 -14.42 17.60
C ASN A 91 31.45 -13.39 18.49
N LEU A 92 30.91 -12.32 17.89
CA LEU A 92 29.91 -11.45 18.56
C LEU A 92 28.45 -11.86 18.24
N ARG A 93 28.34 -12.93 17.44
CA ARG A 93 27.10 -13.48 16.86
C ARG A 93 26.31 -12.45 16.05
N VAL A 94 26.97 -11.35 15.67
CA VAL A 94 26.30 -10.28 14.98
C VAL A 94 26.51 -10.47 13.48
N ARG A 95 25.87 -9.56 12.75
CA ARG A 95 25.85 -9.55 11.31
C ARG A 95 25.94 -8.12 10.79
N LEU A 96 26.23 -8.05 9.51
CA LEU A 96 26.49 -6.81 8.81
C LEU A 96 25.34 -5.88 9.02
N GLY A 97 25.60 -4.83 9.79
CA GLY A 97 24.61 -3.80 10.04
C GLY A 97 23.78 -4.10 11.26
N ASP A 98 24.34 -4.81 12.21
CA ASP A 98 23.79 -4.79 13.58
C ASP A 98 24.37 -3.58 14.34
N VAL A 99 24.02 -3.45 15.60
CA VAL A 99 24.62 -2.47 16.49
C VAL A 99 25.47 -3.25 17.46
N ILE A 100 26.66 -2.78 17.81
CA ILE A 100 27.35 -3.40 18.97
C ILE A 100 27.88 -2.37 19.95
N SER A 101 28.22 -2.86 21.14
CA SER A 101 28.70 -2.04 22.25
C SER A 101 30.20 -2.23 22.46
N ILE A 102 30.92 -1.10 22.47
CA ILE A 102 32.37 -1.12 22.62
C ILE A 102 32.82 -0.35 23.87
N GLN A 103 33.79 -0.88 24.56
CA GLN A 103 34.30 -0.20 25.73
C GLN A 103 35.75 -0.59 25.90
N PRO A 104 36.52 0.25 26.62
CA PRO A 104 37.92 -0.04 26.86
C PRO A 104 38.15 -1.32 27.67
N CYS A 105 39.27 -2.00 27.39
CA CYS A 105 39.71 -3.13 28.22
C CYS A 105 41.11 -2.83 28.82
N PRO A 106 41.16 -2.06 29.94
CA PRO A 106 42.47 -1.69 30.49
C PRO A 106 43.05 -2.70 31.51
N ASP A 107 42.43 -3.89 31.65
CA ASP A 107 42.85 -4.90 32.62
C ASP A 107 43.73 -5.96 31.99
N VAL A 108 43.91 -5.86 30.68
CA VAL A 108 44.26 -7.03 29.89
C VAL A 108 45.66 -7.52 30.22
N LYS A 109 45.69 -8.71 30.85
CA LYS A 109 46.94 -9.38 31.19
C LYS A 109 47.62 -10.01 29.97
N TYR A 110 48.93 -10.16 30.10
CA TYR A 110 49.69 -11.03 29.24
C TYR A 110 49.36 -12.43 29.72
N GLY A 111 48.84 -13.25 28.81
CA GLY A 111 48.39 -14.57 29.20
C GLY A 111 49.57 -15.46 29.56
N LYS A 112 49.34 -16.41 30.45
CA LYS A 112 50.38 -17.35 30.82
C LYS A 112 50.32 -18.56 29.92
N ARG A 113 49.15 -19.20 29.83
CA ARG A 113 49.00 -20.47 29.12
C ARG A 113 47.55 -20.70 28.61
N ILE A 114 47.44 -20.94 27.31
CA ILE A 114 46.14 -20.91 26.62
C ILE A 114 45.91 -22.22 25.83
N HIS A 115 44.71 -22.78 25.95
CA HIS A 115 44.38 -24.12 25.36
C HIS A 115 43.57 -23.83 24.14
N VAL A 116 44.04 -24.33 23.01
CA VAL A 116 43.29 -24.15 21.77
C VAL A 116 43.13 -25.45 21.06
N LEU A 117 42.02 -25.53 20.33
CA LEU A 117 41.74 -26.74 19.58
C LEU A 117 41.20 -26.51 18.18
N PRO A 118 41.48 -27.39 17.24
CA PRO A 118 41.02 -27.16 15.93
C PRO A 118 39.74 -27.91 15.65
N ILE A 119 39.06 -27.42 14.63
CA ILE A 119 37.68 -27.82 14.41
C ILE A 119 37.57 -28.91 13.36
N ASP A 120 36.91 -30.00 13.76
CA ASP A 120 37.08 -31.33 13.20
C ASP A 120 37.15 -31.46 11.67
N ASP A 121 36.39 -30.67 10.94
CA ASP A 121 36.42 -30.80 9.47
C ASP A 121 37.55 -29.95 8.85
N THR A 122 37.87 -28.76 9.41
CA THR A 122 38.94 -27.89 8.82
C THR A 122 40.30 -28.55 8.75
N VAL A 123 40.46 -29.60 9.58
CA VAL A 123 41.66 -30.40 9.72
C VAL A 123 41.39 -31.92 9.67
N GLU A 124 41.88 -32.55 8.61
CA GLU A 124 41.79 -34.00 8.49
C GLU A 124 43.21 -34.54 8.47
N GLY A 125 43.41 -35.67 9.13
CA GLY A 125 44.73 -36.07 9.60
C GLY A 125 45.06 -35.01 10.63
N ILE A 126 44.61 -35.22 11.88
CA ILE A 126 44.59 -34.13 12.90
C ILE A 126 45.04 -34.32 14.39
N THR A 127 46.34 -34.11 14.59
CA THR A 127 46.91 -33.01 15.44
C THR A 127 48.45 -33.02 15.14
N GLY A 128 48.82 -33.13 13.84
CA GLY A 128 50.18 -33.35 13.41
C GLY A 128 51.05 -32.13 13.69
N ASN A 129 50.80 -31.07 12.93
CA ASN A 129 51.75 -29.97 12.75
C ASN A 129 51.05 -28.60 12.77
N LEU A 130 50.04 -28.49 13.60
CA LEU A 130 49.22 -27.31 13.59
C LEU A 130 49.89 -26.26 14.42
N PHE A 131 50.70 -26.66 15.40
CA PHE A 131 51.47 -25.70 16.17
C PHE A 131 52.36 -24.92 15.15
N GLU A 132 53.16 -25.61 14.37
CA GLU A 132 54.23 -24.94 13.62
C GLU A 132 53.70 -24.28 12.38
N VAL A 133 52.88 -24.98 11.60
CA VAL A 133 52.40 -24.49 10.27
C VAL A 133 51.26 -23.44 10.30
N TYR A 134 50.49 -23.38 11.40
CA TYR A 134 49.37 -22.46 11.52
C TYR A 134 49.57 -21.51 12.65
N LEU A 135 49.48 -22.00 13.89
CA LEU A 135 49.33 -21.14 15.07
C LEU A 135 50.57 -20.31 15.30
N LYS A 136 51.72 -20.98 15.47
CA LYS A 136 52.93 -20.27 15.91
C LYS A 136 53.17 -19.03 15.04
N PRO A 137 53.17 -19.20 13.69
CA PRO A 137 53.35 -18.04 12.82
C PRO A 137 52.33 -16.98 13.15
N TYR A 138 51.06 -17.37 13.16
CA TYR A 138 49.93 -16.46 13.38
C TYR A 138 50.09 -15.63 14.67
N PHE A 139 50.24 -16.33 15.80
CA PHE A 139 50.32 -15.69 17.10
C PHE A 139 51.58 -14.93 17.34
N LEU A 140 52.68 -15.56 16.95
CA LEU A 140 54.00 -15.13 17.31
C LEU A 140 54.40 -13.67 16.91
N GLU A 141 54.80 -12.93 17.95
CA GLU A 141 55.28 -11.55 17.88
C GLU A 141 54.26 -10.60 17.37
N ALA A 142 53.00 -11.01 17.53
CA ALA A 142 51.85 -10.22 17.13
C ALA A 142 51.16 -9.61 18.33
N TYR A 143 51.20 -10.31 19.46
CA TYR A 143 50.61 -9.83 20.71
C TYR A 143 49.07 -9.70 20.57
N ARG A 144 48.45 -10.68 19.93
CA ARG A 144 47.03 -10.64 19.68
C ARG A 144 46.31 -10.83 20.98
N PRO A 145 45.14 -10.19 21.16
CA PRO A 145 44.32 -10.55 22.29
C PRO A 145 43.41 -11.70 21.87
N ILE A 146 43.10 -12.57 22.82
CA ILE A 146 42.06 -13.55 22.57
C ILE A 146 41.25 -13.84 23.80
N ARG A 147 40.04 -14.28 23.51
CA ARG A 147 39.01 -14.56 24.48
C ARG A 147 38.60 -16.03 24.43
N LYS A 148 38.32 -16.54 25.62
CA LYS A 148 37.76 -17.84 25.85
C LYS A 148 36.55 -17.98 24.99
N GLY A 149 36.50 -19.06 24.22
CA GLY A 149 35.40 -19.30 23.28
C GLY A 149 35.36 -18.43 22.02
N ASP A 150 36.46 -17.72 21.74
CA ASP A 150 36.64 -17.16 20.39
C ASP A 150 36.94 -18.39 19.57
N ILE A 151 36.33 -18.47 18.40
CA ILE A 151 36.74 -19.38 17.36
C ILE A 151 37.44 -18.44 16.41
N PHE A 152 38.64 -18.77 15.95
CA PHE A 152 39.35 -17.96 14.93
C PHE A 152 39.80 -18.87 13.76
N LEU A 153 40.36 -18.23 12.75
CA LEU A 153 40.72 -18.87 11.51
C LEU A 153 42.13 -18.51 11.12
N VAL A 154 42.90 -19.51 10.71
CA VAL A 154 44.27 -19.26 10.27
C VAL A 154 44.53 -19.95 8.93
N ARG A 155 45.32 -19.28 8.10
CA ARG A 155 45.69 -19.83 6.80
C ARG A 155 47.12 -20.21 6.84
N GLY A 156 47.41 -21.45 6.50
CA GLY A 156 48.79 -21.89 6.50
C GLY A 156 48.93 -23.06 5.58
N GLY A 157 49.87 -22.99 4.66
CA GLY A 157 49.87 -23.88 3.53
C GLY A 157 48.62 -23.51 2.76
N MET A 158 48.18 -24.41 1.91
CA MET A 158 47.03 -24.13 1.07
C MET A 158 45.70 -24.25 1.80
N ARG A 159 45.71 -24.96 2.91
CA ARG A 159 44.54 -25.19 3.74
C ARG A 159 44.27 -23.96 4.65
N ALA A 160 43.03 -23.87 5.10
CA ALA A 160 42.65 -22.93 6.13
C ALA A 160 42.18 -23.79 7.28
N VAL A 161 42.36 -23.29 8.51
CA VAL A 161 41.98 -24.06 9.72
C VAL A 161 41.37 -23.18 10.80
N GLU A 162 40.30 -23.71 11.40
CA GLU A 162 39.57 -23.02 12.43
C GLU A 162 39.94 -23.58 13.80
N PHE A 163 40.22 -22.67 14.70
CA PHE A 163 40.64 -22.97 16.04
C PHE A 163 39.75 -22.32 17.07
N LYS A 164 39.17 -23.10 17.96
CA LYS A 164 38.56 -22.57 19.17
C LYS A 164 39.55 -22.39 20.33
N VAL A 165 39.43 -21.22 20.96
CA VAL A 165 40.04 -20.95 22.27
C VAL A 165 39.19 -21.64 23.34
N VAL A 166 39.78 -22.60 24.05
CA VAL A 166 39.02 -23.37 25.04
C VAL A 166 39.10 -22.71 26.40
N GLU A 167 40.32 -22.41 26.80
CA GLU A 167 40.56 -21.75 28.05
C GLU A 167 41.82 -20.91 27.89
N THR A 168 41.92 -19.87 28.70
CA THR A 168 43.07 -18.98 28.72
C THR A 168 43.46 -18.69 30.14
N ASP A 169 44.73 -18.89 30.51
CA ASP A 169 45.23 -18.48 31.85
C ASP A 169 45.75 -16.98 31.70
N PRO A 170 45.43 -16.08 32.66
CA PRO A 170 44.06 -15.97 33.08
C PRO A 170 42.97 -15.76 32.05
N SER A 171 41.75 -16.12 32.47
CA SER A 171 40.56 -16.02 31.64
C SER A 171 39.88 -14.64 31.81
N PRO A 172 38.69 -14.54 31.25
CA PRO A 172 38.46 -14.90 29.88
C PRO A 172 39.29 -14.35 28.74
N TYR A 173 39.97 -13.24 28.92
CA TYR A 173 40.74 -12.70 27.80
C TYR A 173 42.18 -12.62 28.21
N CYS A 174 43.07 -12.72 27.22
CA CYS A 174 44.48 -12.43 27.46
C CYS A 174 45.15 -11.84 26.22
N ILE A 175 46.37 -11.32 26.40
CA ILE A 175 47.27 -11.00 25.27
C ILE A 175 48.26 -12.15 25.12
N VAL A 176 48.34 -12.69 23.91
CA VAL A 176 49.19 -13.83 23.61
C VAL A 176 50.53 -13.26 23.16
N ALA A 177 51.51 -13.32 24.05
CA ALA A 177 52.89 -12.85 23.82
C ALA A 177 53.85 -14.05 23.68
N PRO A 178 55.05 -13.85 23.10
CA PRO A 178 55.99 -14.95 22.82
C PRO A 178 56.04 -16.09 23.86
N ASP A 179 56.04 -15.75 25.15
CA ASP A 179 56.19 -16.75 26.25
C ASP A 179 54.90 -17.33 26.81
N THR A 180 53.77 -16.97 26.23
CA THR A 180 52.49 -17.55 26.59
C THR A 180 52.44 -18.95 26.01
N VAL A 181 52.26 -19.96 26.86
CA VAL A 181 52.30 -21.36 26.42
C VAL A 181 51.01 -21.74 25.67
N ILE A 182 51.14 -22.55 24.61
CA ILE A 182 50.04 -22.78 23.65
C ILE A 182 49.66 -24.28 23.57
N HIS A 183 48.61 -24.68 24.28
CA HIS A 183 48.22 -26.11 24.38
C HIS A 183 47.33 -26.58 23.27
N CYS A 184 47.87 -27.50 22.49
CA CYS A 184 47.21 -28.05 21.31
C CYS A 184 46.60 -29.39 21.65
N GLU A 185 46.26 -29.58 22.93
CA GLU A 185 45.90 -30.90 23.51
C GLU A 185 44.39 -31.08 23.72
N GLY A 186 43.90 -32.29 23.41
CA GLY A 186 42.48 -32.65 23.55
C GLY A 186 42.00 -33.48 22.37
N GLU A 187 40.68 -33.50 22.16
CA GLU A 187 40.06 -34.09 20.95
C GLU A 187 39.45 -32.98 19.99
N PRO A 188 39.85 -32.96 18.66
CA PRO A 188 39.35 -32.02 17.65
C PRO A 188 37.89 -31.66 17.80
N ILE A 189 37.51 -30.37 17.78
CA ILE A 189 36.11 -29.98 18.19
C ILE A 189 35.08 -30.19 17.10
N LYS A 190 34.01 -30.89 17.45
CA LYS A 190 33.04 -31.34 16.49
C LYS A 190 32.30 -30.13 15.96
N ARG A 191 32.00 -30.16 14.66
CA ARG A 191 31.26 -29.10 13.98
C ARG A 191 29.91 -29.00 14.64
N GLU A 192 29.19 -30.13 14.62
CA GLU A 192 27.89 -30.32 15.29
C GLU A 192 27.74 -29.60 16.63
N ASP A 193 28.66 -29.87 17.55
CA ASP A 193 28.62 -29.28 18.90
C ASP A 193 28.77 -27.75 18.90
N GLU A 194 29.44 -27.20 17.89
CA GLU A 194 29.50 -25.76 17.69
C GLU A 194 28.33 -25.18 16.86
N GLU A 195 27.74 -25.99 15.98
CA GLU A 195 26.48 -25.59 15.31
C GLU A 195 25.36 -25.50 16.34
N GLU A 196 25.24 -26.50 17.21
CA GLU A 196 24.31 -26.42 18.36
C GLU A 196 24.40 -25.08 19.10
N SER A 197 25.60 -24.56 19.31
CA SER A 197 25.78 -23.28 19.97
C SER A 197 25.32 -22.10 19.14
N TRP A 198 25.37 -22.20 17.81
CA TRP A 198 24.83 -21.14 16.93
C TRP A 198 23.31 -20.99 17.10
N ASN A 199 22.59 -22.11 17.08
CA ASN A 199 21.11 -22.14 17.17
C ASN A 199 20.48 -21.77 18.51
N GLU A 200 21.27 -21.37 19.51
CA GLU A 200 20.71 -20.81 20.76
C GLU A 200 19.78 -19.66 20.42
N VAL A 201 18.60 -19.63 21.03
CA VAL A 201 17.66 -18.53 20.83
C VAL A 201 17.89 -17.48 21.91
N GLY A 202 18.04 -16.23 21.48
CA GLY A 202 18.12 -15.07 22.39
C GLY A 202 17.18 -14.00 21.88
N TYR A 203 17.04 -12.91 22.66
CA TYR A 203 16.03 -11.91 22.35
C TYR A 203 16.11 -11.35 20.94
N ASP A 204 17.10 -11.73 20.17
CA ASP A 204 17.30 -11.20 18.84
C ASP A 204 16.70 -12.03 17.77
N ASP A 205 16.27 -13.23 18.13
CA ASP A 205 15.55 -14.12 17.23
C ASP A 205 14.04 -13.90 17.40
N ILE A 206 13.66 -12.85 18.12
CA ILE A 206 12.27 -12.52 18.38
C ILE A 206 11.88 -11.18 17.77
N GLY A 207 10.90 -11.23 16.90
CA GLY A 207 10.48 -10.05 16.15
C GLY A 207 9.13 -9.41 16.52
N GLY A 208 9.17 -8.13 16.84
CA GLY A 208 7.97 -7.33 16.95
C GLY A 208 7.40 -7.34 18.33
N CYS A 209 8.26 -7.21 19.32
CA CYS A 209 7.82 -7.35 20.69
C CYS A 209 8.57 -6.46 21.66
N ARG A 210 9.28 -5.44 21.19
CA ARG A 210 10.12 -4.73 22.10
C ARG A 210 9.27 -4.36 23.30
N LYS A 211 8.07 -3.87 23.02
CA LYS A 211 7.10 -3.46 24.06
C LYS A 211 7.00 -4.45 25.23
N GLN A 212 6.79 -5.71 24.87
CA GLN A 212 6.61 -6.80 25.83
C GLN A 212 7.92 -7.31 26.42
N LEU A 213 8.91 -7.54 25.54
CA LEU A 213 10.20 -7.98 26.07
C LEU A 213 10.59 -7.03 27.20
N ALA A 214 10.50 -5.73 26.89
CA ALA A 214 10.77 -4.69 27.88
C ALA A 214 10.10 -4.97 29.20
N GLN A 215 8.79 -5.25 29.15
CA GLN A 215 7.99 -5.54 30.38
C GLN A 215 8.52 -6.78 31.10
N ILE A 216 8.66 -7.88 30.35
CA ILE A 216 9.12 -9.14 30.93
C ILE A 216 10.43 -8.87 31.67
N LYS A 217 11.42 -8.30 30.97
CA LYS A 217 12.68 -7.94 31.66
C LYS A 217 12.50 -7.22 33.01
N GLU A 218 11.52 -6.32 33.06
CA GLU A 218 11.38 -5.50 34.26
C GLU A 218 10.47 -6.10 35.33
N MET A 219 9.61 -7.05 34.96
CA MET A 219 8.86 -7.82 35.95
C MET A 219 9.70 -8.95 36.49
N VAL A 220 10.66 -9.44 35.67
CA VAL A 220 11.40 -10.69 35.97
C VAL A 220 12.87 -10.49 36.22
N GLU A 221 13.60 -10.00 35.23
CA GLU A 221 15.04 -9.90 35.42
C GLU A 221 15.39 -8.82 36.44
N LEU A 222 14.69 -7.71 36.38
CA LEU A 222 15.04 -6.61 37.27
C LEU A 222 14.87 -6.84 38.81
N PRO A 223 13.77 -7.45 39.27
CA PRO A 223 13.65 -7.80 40.69
C PRO A 223 14.41 -9.06 41.15
N LEU A 224 14.82 -9.94 40.23
CA LEU A 224 15.75 -11.04 40.56
C LEU A 224 17.20 -10.52 40.62
N ARG A 225 17.51 -9.57 39.72
CA ARG A 225 18.81 -8.89 39.69
C ARG A 225 18.96 -7.83 40.81
N HIS A 226 17.90 -7.10 41.20
CA HIS A 226 18.09 -6.06 42.24
C HIS A 226 17.09 -6.07 43.41
N PRO A 227 16.89 -7.25 44.04
CA PRO A 227 15.87 -7.40 45.12
C PRO A 227 16.05 -6.47 46.33
N ALA A 228 17.26 -5.92 46.49
CA ALA A 228 17.54 -4.81 47.40
C ALA A 228 16.58 -3.64 47.19
N LEU A 229 16.52 -3.21 45.94
CA LEU A 229 15.86 -1.99 45.51
C LEU A 229 14.37 -1.92 45.84
N PHE A 230 13.68 -3.06 45.85
CA PHE A 230 12.22 -3.11 45.99
C PHE A 230 11.80 -3.20 47.46
N LYS A 231 12.52 -4.00 48.23
CA LYS A 231 12.36 -3.99 49.69
C LYS A 231 12.77 -2.62 50.21
N ALA A 232 13.76 -2.00 49.54
CA ALA A 232 14.21 -0.62 49.83
C ALA A 232 13.22 0.58 49.61
N ILE A 233 12.38 0.56 48.56
CA ILE A 233 11.27 1.56 48.37
C ILE A 233 9.89 1.01 48.87
N GLY A 234 9.93 -0.12 49.58
CA GLY A 234 8.82 -0.65 50.36
C GLY A 234 7.76 -1.32 49.52
N VAL A 235 8.19 -1.88 48.38
CA VAL A 235 7.33 -2.46 47.35
C VAL A 235 7.65 -3.95 47.15
N LYS A 236 6.62 -4.72 46.83
CA LYS A 236 6.73 -6.16 46.60
C LYS A 236 6.81 -6.39 45.09
N PRO A 237 7.63 -7.35 44.61
CA PRO A 237 7.66 -7.53 43.16
C PRO A 237 6.45 -8.32 42.73
N PRO A 238 6.15 -8.31 41.42
CA PRO A 238 5.21 -9.29 40.89
C PRO A 238 5.92 -10.62 40.80
N ARG A 239 5.20 -11.71 41.00
CA ARG A 239 5.88 -13.00 41.03
C ARG A 239 5.29 -14.10 40.19
N GLY A 240 3.99 -13.95 39.84
CA GLY A 240 3.36 -14.72 38.75
C GLY A 240 3.10 -13.91 37.49
N ILE A 241 3.75 -14.28 36.37
CA ILE A 241 3.57 -13.57 35.10
C ILE A 241 2.99 -14.51 34.07
N LEU A 242 2.09 -14.00 33.25
CA LEU A 242 1.41 -14.85 32.26
C LEU A 242 1.52 -14.32 30.87
N LEU A 243 2.11 -15.07 29.95
CA LEU A 243 2.10 -14.64 28.56
C LEU A 243 0.93 -15.24 27.89
N TYR A 244 0.19 -14.39 27.17
CA TYR A 244 -0.94 -14.92 26.37
C TYR A 244 -1.05 -14.31 25.00
N GLY A 245 -1.55 -15.10 24.08
CA GLY A 245 -1.65 -14.63 22.73
C GLY A 245 -2.50 -15.62 22.02
N PRO A 246 -2.81 -15.37 20.76
CA PRO A 246 -3.26 -16.46 19.92
C PRO A 246 -2.06 -17.32 19.68
N PRO A 247 -2.20 -18.34 18.83
CA PRO A 247 -1.06 -19.20 18.66
C PRO A 247 -0.28 -18.86 17.40
N GLY A 248 1.05 -19.04 17.52
CA GLY A 248 2.01 -18.69 16.51
C GLY A 248 2.74 -17.36 16.71
N THR A 249 2.49 -16.75 17.87
CA THR A 249 2.81 -15.34 18.10
C THR A 249 4.18 -15.09 18.62
N GLY A 250 4.64 -16.04 19.46
CA GLY A 250 6.03 -16.19 19.98
C GLY A 250 6.27 -16.45 21.46
N LYS A 251 5.36 -17.14 22.11
CA LYS A 251 5.40 -17.19 23.56
C LYS A 251 6.44 -18.27 24.00
N THR A 252 6.19 -19.46 23.41
CA THR A 252 7.04 -20.64 23.53
C THR A 252 8.50 -20.14 23.13
N LEU A 253 8.65 -19.33 22.10
CA LEU A 253 9.96 -18.71 21.76
C LEU A 253 10.51 -17.75 22.79
N ILE A 254 9.72 -16.79 23.20
CA ILE A 254 10.16 -15.87 24.26
C ILE A 254 10.66 -16.60 25.46
N ALA A 255 9.97 -17.66 25.92
CA ALA A 255 10.56 -18.45 27.05
C ALA A 255 11.91 -19.14 26.70
N ARG A 256 11.93 -19.88 25.60
CA ARG A 256 13.18 -20.46 25.16
C ARG A 256 14.25 -19.40 25.12
N ALA A 257 13.97 -18.15 24.72
CA ALA A 257 15.01 -17.09 24.82
C ALA A 257 15.32 -16.66 26.22
N VAL A 258 14.31 -16.25 26.96
CA VAL A 258 14.52 -15.83 28.36
C VAL A 258 15.47 -16.80 29.01
N ALA A 259 15.20 -18.09 28.81
CA ALA A 259 16.08 -19.16 29.35
C ALA A 259 17.58 -18.97 29.02
N ASN A 260 17.89 -18.86 27.73
CA ASN A 260 19.27 -18.73 27.29
C ASN A 260 19.85 -17.36 27.68
N GLU A 261 19.02 -16.32 27.82
CA GLU A 261 19.55 -14.98 28.17
C GLU A 261 19.67 -14.70 29.67
N THR A 262 18.93 -15.41 30.50
CA THR A 262 18.82 -14.89 31.85
C THR A 262 19.87 -15.29 32.84
N GLY A 263 20.07 -14.39 33.79
CA GLY A 263 20.88 -14.61 34.96
C GLY A 263 20.58 -15.87 35.76
N ALA A 264 19.30 -16.16 35.94
CA ALA A 264 18.86 -17.12 36.94
C ALA A 264 18.93 -18.55 36.45
N PHE A 265 18.88 -19.45 37.42
CA PHE A 265 18.54 -20.84 37.18
C PHE A 265 17.12 -20.83 36.62
N PHE A 266 16.91 -21.66 35.62
CA PHE A 266 15.69 -21.66 34.88
C PHE A 266 15.13 -23.08 34.88
N PHE A 267 13.96 -23.31 35.48
CA PHE A 267 13.33 -24.63 35.30
C PHE A 267 12.11 -24.45 34.42
N LEU A 268 12.04 -25.27 33.38
CA LEU A 268 10.89 -25.31 32.47
C LEU A 268 9.89 -26.47 32.70
N ILE A 269 8.64 -26.13 32.91
CA ILE A 269 7.59 -27.08 33.01
C ILE A 269 6.71 -26.98 31.78
N ASN A 270 6.66 -28.10 31.09
CA ASN A 270 5.90 -28.21 29.90
C ASN A 270 4.58 -28.84 30.22
N GLY A 271 3.49 -28.09 30.06
CA GLY A 271 2.17 -28.62 30.43
C GLY A 271 1.77 -30.03 29.99
N PRO A 272 1.75 -30.27 28.69
CA PRO A 272 1.28 -31.58 28.24
C PRO A 272 2.17 -32.74 28.71
N GLU A 273 3.46 -32.43 28.93
CA GLU A 273 4.40 -33.39 29.44
C GLU A 273 4.12 -33.77 30.89
N ILE A 274 3.80 -32.79 31.73
CA ILE A 274 3.37 -33.06 33.14
C ILE A 274 2.13 -33.91 33.13
N MET A 275 1.20 -33.61 32.24
CA MET A 275 -0.07 -34.34 32.19
C MET A 275 0.04 -35.69 31.51
N SER A 276 1.08 -35.92 30.71
CA SER A 276 1.39 -37.27 30.20
C SER A 276 1.76 -38.31 31.27
N LYS A 277 2.24 -37.84 32.42
CA LYS A 277 2.70 -38.74 33.49
C LYS A 277 1.56 -39.38 34.29
N LEU A 278 1.93 -40.26 35.20
CA LEU A 278 0.98 -41.12 35.92
C LEU A 278 0.42 -40.39 37.12
N ALA A 279 -0.78 -40.79 37.55
CA ALA A 279 -1.42 -40.23 38.73
C ALA A 279 -0.34 -40.14 39.80
N GLY A 280 0.05 -38.93 40.18
CA GLY A 280 1.03 -38.74 41.27
C GLY A 280 2.42 -38.35 40.83
N GLU A 281 2.91 -38.95 39.74
CA GLU A 281 4.21 -38.58 39.21
C GLU A 281 4.18 -37.10 38.73
N SER A 282 3.02 -36.66 38.24
CA SER A 282 2.83 -35.28 37.85
C SER A 282 3.07 -34.39 39.05
N GLU A 283 2.26 -34.63 40.08
CA GLU A 283 2.34 -33.86 41.32
C GLU A 283 3.76 -33.89 41.83
N SER A 284 4.41 -35.07 41.77
CA SER A 284 5.83 -35.14 42.12
C SER A 284 6.61 -34.10 41.31
N ASN A 285 6.61 -34.23 39.98
CA ASN A 285 7.51 -33.39 39.15
C ASN A 285 7.22 -31.90 39.36
N LEU A 286 5.93 -31.58 39.51
CA LEU A 286 5.54 -30.24 39.94
C LEU A 286 6.30 -29.81 41.18
N ARG A 287 6.17 -30.55 42.27
CA ARG A 287 6.92 -30.19 43.48
C ARG A 287 8.40 -30.08 43.16
N LYS A 288 8.97 -31.16 42.60
CA LYS A 288 10.44 -31.21 42.28
C LYS A 288 10.90 -29.93 41.63
N ALA A 289 10.21 -29.48 40.59
CA ALA A 289 10.62 -28.22 39.97
C ALA A 289 10.61 -26.99 40.92
N PHE A 290 9.55 -26.85 41.72
CA PHE A 290 9.45 -25.75 42.72
C PHE A 290 10.51 -25.86 43.81
N GLU A 291 10.78 -27.09 44.26
CA GLU A 291 11.85 -27.34 45.23
C GLU A 291 13.22 -26.99 44.64
N GLU A 292 13.53 -27.57 43.48
CA GLU A 292 14.77 -27.30 42.70
C GLU A 292 14.97 -25.84 42.38
N ALA A 293 13.88 -25.14 42.11
CA ALA A 293 13.96 -23.69 41.97
C ALA A 293 14.24 -22.99 43.30
N GLU A 294 13.39 -23.20 44.34
CA GLU A 294 13.60 -22.57 45.68
C GLU A 294 15.04 -22.77 46.10
N LYS A 295 15.54 -23.95 45.81
CA LYS A 295 16.90 -24.30 46.12
C LYS A 295 17.97 -23.51 45.34
N ASN A 296 17.82 -23.20 44.04
CA ASN A 296 18.93 -22.58 43.22
C ASN A 296 18.80 -21.10 42.94
N ALA A 297 18.19 -20.46 43.90
CA ALA A 297 17.53 -19.27 43.65
C ALA A 297 18.30 -17.98 43.73
N PRO A 298 18.55 -17.35 42.56
CA PRO A 298 17.41 -16.63 41.97
C PRO A 298 16.98 -17.50 40.80
N ALA A 299 15.69 -17.78 40.71
CA ALA A 299 15.14 -18.75 39.74
C ALA A 299 13.90 -18.31 38.95
N ILE A 300 13.83 -18.81 37.73
CA ILE A 300 12.61 -18.64 36.98
C ILE A 300 12.06 -20.01 36.70
N ILE A 301 10.85 -20.25 37.19
CA ILE A 301 10.10 -21.39 36.71
C ILE A 301 9.25 -20.90 35.61
N PHE A 302 9.33 -21.56 34.47
CA PHE A 302 8.42 -21.23 33.38
C PHE A 302 7.38 -22.34 33.15
N ILE A 303 6.07 -22.06 33.09
CA ILE A 303 5.12 -23.13 32.73
C ILE A 303 4.55 -22.84 31.37
N ASP A 304 4.90 -23.67 30.40
CA ASP A 304 4.31 -23.50 29.08
C ASP A 304 3.04 -24.31 29.10
N GLU A 305 2.11 -23.84 28.28
CA GLU A 305 0.84 -24.53 28.06
C GLU A 305 0.05 -24.68 29.34
N LEU A 306 -0.01 -23.61 30.12
CA LEU A 306 -0.72 -23.62 31.42
C LEU A 306 -2.13 -24.19 31.35
N ASP A 307 -2.84 -23.73 30.32
CA ASP A 307 -4.18 -24.24 29.94
C ASP A 307 -4.34 -25.77 29.97
N ALA A 308 -3.26 -26.49 29.69
CA ALA A 308 -3.31 -27.95 29.71
C ALA A 308 -3.17 -28.59 31.08
N ILE A 309 -2.63 -27.86 32.05
CA ILE A 309 -2.50 -28.36 33.40
C ILE A 309 -3.67 -27.90 34.20
N ALA A 310 -3.91 -26.58 34.07
CA ALA A 310 -4.84 -25.82 34.94
C ALA A 310 -6.03 -25.17 34.21
N PRO A 311 -6.81 -26.05 33.58
CA PRO A 311 -8.02 -25.58 32.96
C PRO A 311 -9.07 -25.16 33.99
N LYS A 312 -10.07 -24.41 33.50
CA LYS A 312 -11.28 -24.14 34.29
C LYS A 312 -11.84 -25.43 34.88
N ARG A 313 -11.72 -25.60 36.21
CA ARG A 313 -12.09 -26.85 36.92
C ARG A 313 -13.50 -27.35 36.56
N GLU A 314 -14.41 -26.43 36.23
CA GLU A 314 -15.73 -26.75 35.65
C GLU A 314 -15.69 -27.76 34.48
N LYS A 315 -14.74 -27.59 33.56
CA LYS A 315 -14.71 -28.39 32.34
C LYS A 315 -14.15 -29.81 32.51
N THR A 316 -13.26 -30.01 33.49
CA THR A 316 -12.52 -31.27 33.66
C THR A 316 -13.18 -32.30 34.58
N HIS A 317 -13.92 -33.21 33.96
CA HIS A 317 -14.72 -34.17 34.71
C HIS A 317 -13.79 -35.29 35.13
N GLY A 318 -12.80 -34.96 35.97
CA GLY A 318 -11.77 -35.90 36.40
C GLY A 318 -11.33 -35.58 37.81
N GLU A 319 -10.98 -36.61 38.58
CA GLU A 319 -10.54 -36.43 39.98
C GLU A 319 -9.17 -35.86 40.00
N VAL A 320 -8.24 -36.52 39.33
CA VAL A 320 -6.81 -36.23 39.46
C VAL A 320 -6.47 -34.83 38.94
N GLU A 321 -7.03 -34.52 37.79
CA GLU A 321 -6.82 -33.22 37.16
C GLU A 321 -7.03 -32.05 38.13
N ARG A 322 -8.07 -32.16 38.96
CA ARG A 322 -8.37 -31.15 40.00
C ARG A 322 -7.34 -31.15 41.12
N ARG A 323 -6.88 -32.34 41.49
CA ARG A 323 -5.79 -32.50 42.45
C ARG A 323 -4.53 -31.79 41.95
N ILE A 324 -4.21 -31.97 40.69
CA ILE A 324 -3.07 -31.23 40.15
C ILE A 324 -3.22 -29.74 40.35
N VAL A 325 -4.35 -29.20 39.96
CA VAL A 325 -4.46 -27.74 39.99
C VAL A 325 -4.26 -27.21 41.40
N SER A 326 -4.95 -27.81 42.36
CA SER A 326 -4.67 -27.60 43.78
C SER A 326 -3.19 -27.67 44.08
N GLN A 327 -2.55 -28.80 43.72
CA GLN A 327 -1.12 -28.94 43.92
C GLN A 327 -0.40 -27.68 43.43
N LEU A 328 -0.75 -27.20 42.23
CA LEU A 328 -0.12 -26.00 41.65
C LEU A 328 -0.40 -24.74 42.45
N LEU A 329 -1.66 -24.37 42.58
CA LEU A 329 -2.05 -23.32 43.53
C LEU A 329 -1.27 -23.33 44.86
N THR A 330 -1.16 -24.48 45.48
CA THR A 330 -0.47 -24.52 46.76
C THR A 330 1.01 -24.31 46.63
N LEU A 331 1.63 -24.65 45.51
CA LEU A 331 3.06 -24.31 45.33
C LEU A 331 3.18 -22.84 45.06
N MET A 332 2.39 -22.31 44.12
CA MET A 332 2.37 -20.85 43.84
C MET A 332 2.27 -20.09 45.15
N ASP A 333 1.20 -20.39 45.90
CA ASP A 333 0.93 -19.77 47.20
C ASP A 333 2.11 -20.04 48.12
N GLY A 334 2.55 -21.30 48.20
CA GLY A 334 3.66 -21.72 49.07
C GLY A 334 5.07 -21.27 48.67
N LEU A 335 5.18 -19.99 48.34
CA LEU A 335 6.44 -19.36 48.04
C LEU A 335 6.57 -18.17 49.00
N LYS A 336 7.58 -18.22 49.85
CA LYS A 336 7.92 -17.07 50.66
C LYS A 336 8.48 -16.02 49.75
N GLN A 337 8.20 -14.74 50.01
CA GLN A 337 8.67 -13.64 49.13
C GLN A 337 10.18 -13.66 48.92
N ARG A 338 10.88 -14.03 49.99
CA ARG A 338 12.33 -14.20 49.99
C ARG A 338 12.88 -15.44 49.30
N ALA A 339 12.00 -16.31 48.80
CA ALA A 339 12.40 -17.43 47.95
C ALA A 339 13.26 -16.96 46.77
N HIS A 340 12.97 -15.79 46.18
CA HIS A 340 13.63 -15.24 44.96
C HIS A 340 13.32 -16.07 43.70
N VAL A 341 12.06 -16.48 43.57
CA VAL A 341 11.63 -17.27 42.42
C VAL A 341 10.51 -16.58 41.71
N ILE A 342 10.62 -16.49 40.38
CA ILE A 342 9.52 -15.99 39.52
C ILE A 342 8.87 -17.11 38.75
N VAL A 343 7.54 -17.14 38.73
CA VAL A 343 6.89 -18.06 37.81
C VAL A 343 6.39 -17.32 36.61
N MET A 344 7.01 -17.59 35.47
CA MET A 344 6.37 -17.23 34.24
C MET A 344 5.51 -18.39 33.87
N ALA A 345 4.50 -18.09 33.08
CA ALA A 345 3.76 -19.16 32.38
C ALA A 345 3.25 -18.59 31.08
N ALA A 346 2.67 -19.48 30.28
CA ALA A 346 2.21 -19.06 28.99
C ALA A 346 1.15 -19.93 28.42
N THR A 347 0.21 -19.21 27.77
CA THR A 347 -0.97 -19.87 27.13
C THR A 347 -1.57 -19.10 25.96
N ASN A 348 -2.20 -19.85 25.09
CA ASN A 348 -2.99 -19.20 24.08
C ASN A 348 -4.44 -19.03 24.44
N ARG A 349 -4.95 -19.82 25.38
CA ARG A 349 -6.38 -19.79 25.76
C ARG A 349 -6.60 -19.17 27.14
N PRO A 350 -6.34 -17.86 27.27
CA PRO A 350 -6.25 -17.26 28.61
C PRO A 350 -7.51 -17.57 29.38
N ASN A 351 -8.63 -17.22 28.80
CA ASN A 351 -9.87 -17.35 29.50
C ASN A 351 -10.22 -18.78 29.90
N SER A 352 -9.48 -19.77 29.42
CA SER A 352 -9.74 -21.16 29.82
C SER A 352 -8.92 -21.63 30.98
N ILE A 353 -8.02 -20.80 31.45
CA ILE A 353 -7.30 -21.13 32.64
C ILE A 353 -8.22 -20.95 33.84
N ASP A 354 -8.14 -21.88 34.81
CA ASP A 354 -8.90 -21.73 36.10
C ASP A 354 -8.71 -20.33 36.73
N PRO A 355 -9.78 -19.53 36.88
CA PRO A 355 -9.68 -18.16 37.45
C PRO A 355 -8.96 -18.02 38.77
N ALA A 356 -8.89 -19.12 39.52
CA ALA A 356 -8.03 -19.24 40.72
C ALA A 356 -6.58 -18.88 40.52
N LEU A 357 -6.10 -19.07 39.31
CA LEU A 357 -4.75 -18.80 39.05
C LEU A 357 -4.47 -17.36 38.79
N ARG A 358 -5.43 -16.55 38.39
CA ARG A 358 -5.07 -15.15 38.21
C ARG A 358 -5.40 -14.27 39.41
N ARG A 359 -5.52 -14.84 40.59
CA ARG A 359 -5.76 -14.06 41.81
C ARG A 359 -4.54 -13.23 42.21
N PHE A 360 -4.62 -12.57 43.36
CA PHE A 360 -3.43 -11.99 43.94
C PHE A 360 -2.56 -13.08 44.50
N GLY A 361 -1.26 -12.78 44.55
CA GLY A 361 -0.24 -13.75 44.90
C GLY A 361 0.11 -14.76 43.83
N ARG A 362 -0.70 -14.92 42.81
CA ARG A 362 -0.58 -16.01 41.87
C ARG A 362 -0.17 -15.46 40.52
N PHE A 363 -0.85 -15.73 39.42
CA PHE A 363 -0.57 -14.98 38.19
C PHE A 363 -1.25 -13.58 38.14
N ASP A 364 -0.57 -12.65 38.82
CA ASP A 364 -0.93 -11.24 38.94
C ASP A 364 -0.85 -10.45 37.66
N ARG A 365 0.19 -10.67 36.88
CA ARG A 365 0.43 -9.84 35.72
C ARG A 365 0.45 -10.63 34.43
N GLU A 366 -0.06 -10.00 33.40
CA GLU A 366 -0.43 -10.67 32.18
C GLU A 366 0.18 -9.87 31.07
N VAL A 367 0.64 -10.54 30.04
CA VAL A 367 1.34 -9.86 28.98
C VAL A 367 0.78 -10.39 27.69
N ASP A 368 0.35 -9.46 26.86
CA ASP A 368 -0.26 -9.84 25.61
C ASP A 368 0.81 -9.94 24.56
N ILE A 369 1.10 -11.16 24.16
CA ILE A 369 1.95 -11.43 23.03
C ILE A 369 1.05 -11.50 21.84
N GLY A 370 0.64 -10.32 21.37
CA GLY A 370 -0.47 -10.20 20.42
C GLY A 370 -0.07 -10.52 18.99
N ILE A 371 -0.94 -10.15 18.06
CA ILE A 371 -0.69 -10.18 16.61
C ILE A 371 0.21 -8.99 16.23
N PRO A 372 1.16 -9.16 15.29
CA PRO A 372 2.09 -8.07 15.09
C PRO A 372 1.66 -7.14 13.98
N ASP A 373 2.01 -5.87 14.12
CA ASP A 373 1.87 -4.92 13.02
C ASP A 373 2.91 -5.16 11.91
N ALA A 374 2.70 -4.46 10.80
CA ALA A 374 3.51 -4.68 9.61
C ALA A 374 5.00 -4.44 9.87
N THR A 375 5.30 -3.45 10.71
CA THR A 375 6.65 -3.30 11.23
C THR A 375 7.18 -4.64 11.82
N GLY A 376 6.48 -5.16 12.82
CA GLY A 376 6.87 -6.43 13.47
C GLY A 376 7.05 -7.54 12.45
N ARG A 377 6.02 -7.71 11.62
CA ARG A 377 6.07 -8.67 10.49
C ARG A 377 7.33 -8.54 9.67
N LEU A 378 7.74 -7.29 9.43
CA LEU A 378 8.99 -7.10 8.79
C LEU A 378 10.10 -7.74 9.61
N GLU A 379 10.28 -7.29 10.86
CA GLU A 379 11.40 -7.80 11.74
C GLU A 379 11.43 -9.31 11.67
N ILE A 380 10.27 -9.91 11.91
CA ILE A 380 10.09 -11.35 11.78
C ILE A 380 10.61 -11.88 10.44
N LEU A 381 10.07 -11.41 9.33
CA LEU A 381 10.59 -11.86 8.03
C LEU A 381 12.10 -11.75 7.89
N GLN A 382 12.61 -10.65 8.43
CA GLN A 382 14.02 -10.36 8.40
C GLN A 382 14.88 -11.31 9.19
N ILE A 383 14.42 -11.64 10.38
CA ILE A 383 14.95 -12.74 11.14
C ILE A 383 14.90 -14.03 10.34
N HIS A 384 13.73 -14.37 9.83
CA HIS A 384 13.62 -15.65 9.11
C HIS A 384 14.24 -15.79 7.77
N THR A 385 14.79 -14.71 7.24
CA THR A 385 15.52 -14.85 6.00
C THR A 385 17.03 -14.61 6.13
N LYS A 386 17.52 -14.39 7.35
CA LYS A 386 18.91 -13.97 7.52
C LYS A 386 19.85 -15.06 7.06
N ASN A 387 19.45 -16.31 7.24
CA ASN A 387 20.24 -17.40 6.73
C ASN A 387 19.75 -17.91 5.39
N MET A 388 19.21 -17.01 4.58
CA MET A 388 18.51 -17.39 3.35
C MET A 388 19.06 -16.65 2.14
N LYS A 389 19.13 -17.36 1.03
CA LYS A 389 19.80 -16.86 -0.16
C LYS A 389 18.85 -15.99 -1.01
N LEU A 390 18.67 -14.74 -0.61
CA LEU A 390 17.64 -13.86 -1.20
C LEU A 390 18.13 -13.12 -2.42
N ALA A 391 17.36 -13.13 -3.50
CA ALA A 391 17.72 -12.35 -4.71
C ALA A 391 17.66 -10.84 -4.51
N ASP A 392 18.09 -10.10 -5.52
CA ASP A 392 17.99 -8.65 -5.51
C ASP A 392 16.52 -8.20 -5.54
N ASP A 393 15.70 -8.85 -6.35
CA ASP A 393 14.31 -8.41 -6.55
C ASP A 393 13.35 -8.63 -5.37
N VAL A 394 13.83 -9.22 -4.28
CA VAL A 394 13.00 -9.54 -3.11
C VAL A 394 12.77 -8.31 -2.26
N ASP A 395 11.51 -8.00 -1.98
CA ASP A 395 11.11 -6.79 -1.24
C ASP A 395 10.40 -7.14 0.04
N LEU A 396 11.17 -7.36 1.08
CA LEU A 396 10.60 -7.87 2.33
C LEU A 396 9.46 -6.98 2.84
N GLU A 397 9.71 -5.68 2.90
CA GLU A 397 8.68 -4.70 3.25
C GLU A 397 7.35 -4.98 2.55
N GLN A 398 7.46 -5.27 1.25
CA GLN A 398 6.27 -5.52 0.44
C GLN A 398 5.58 -6.69 1.05
N VAL A 399 6.32 -7.79 1.24
CA VAL A 399 5.73 -9.06 1.72
C VAL A 399 5.01 -8.76 3.04
N ALA A 400 5.72 -8.04 3.90
CA ALA A 400 5.18 -7.60 5.18
C ALA A 400 3.83 -6.95 5.01
N ASN A 401 3.75 -6.03 4.04
CA ASN A 401 2.45 -5.42 3.75
C ASN A 401 1.41 -6.36 3.12
N GLU A 402 1.83 -7.25 2.23
CA GLU A 402 0.93 -8.20 1.63
C GLU A 402 0.44 -9.25 2.63
N THR A 403 1.00 -9.31 3.85
CA THR A 403 0.61 -10.32 4.88
C THR A 403 -0.13 -9.81 6.13
N HIS A 404 -1.32 -9.24 5.97
CA HIS A 404 -2.05 -8.80 7.15
C HIS A 404 -2.45 -9.98 8.02
N GLY A 405 -2.52 -9.76 9.33
CA GLY A 405 -3.03 -10.78 10.28
C GLY A 405 -2.20 -12.08 10.34
N HIS A 406 -0.99 -11.99 9.86
CA HIS A 406 -0.11 -13.11 9.86
C HIS A 406 0.63 -13.00 11.17
N VAL A 407 0.93 -14.17 11.75
CA VAL A 407 1.79 -14.26 12.96
C VAL A 407 3.19 -14.82 12.67
N GLY A 408 4.03 -14.72 13.70
CA GLY A 408 5.39 -15.24 13.60
C GLY A 408 5.47 -16.55 12.82
N ALA A 409 4.80 -17.56 13.37
CA ALA A 409 4.74 -18.87 12.71
C ALA A 409 4.42 -18.83 11.22
N ASP A 410 3.35 -18.09 10.93
CA ASP A 410 2.79 -18.04 9.58
C ASP A 410 3.89 -17.56 8.67
N LEU A 411 4.50 -16.44 9.11
CA LEU A 411 5.54 -15.77 8.32
C LEU A 411 6.78 -16.56 8.14
N ALA A 412 7.13 -17.33 9.19
CA ALA A 412 8.22 -18.32 9.04
C ALA A 412 7.89 -19.33 7.94
N ALA A 413 6.73 -19.94 8.10
CA ALA A 413 6.41 -20.99 7.15
C ALA A 413 6.24 -20.48 5.72
N LEU A 414 5.79 -19.24 5.59
CA LEU A 414 5.88 -18.54 4.32
C LEU A 414 7.32 -18.55 3.70
N CYS A 415 8.31 -18.16 4.52
CA CYS A 415 9.71 -18.17 4.11
C CYS A 415 10.14 -19.57 3.78
N SER A 416 9.64 -20.56 4.52
CA SER A 416 9.86 -21.96 4.09
C SER A 416 9.34 -22.19 2.69
N GLU A 417 8.04 -22.02 2.52
CA GLU A 417 7.39 -22.37 1.28
C GLU A 417 8.01 -21.62 0.08
N ALA A 418 8.40 -20.37 0.29
CA ALA A 418 9.20 -19.62 -0.68
C ALA A 418 10.42 -20.43 -1.14
N ALA A 419 11.24 -20.81 -0.18
CA ALA A 419 12.45 -21.58 -0.45
C ALA A 419 12.14 -22.96 -1.08
N LEU A 420 11.09 -23.63 -0.60
CA LEU A 420 10.65 -24.91 -1.20
C LEU A 420 10.01 -24.78 -2.59
N GLN A 421 9.59 -23.58 -2.96
CA GLN A 421 9.33 -23.26 -4.36
C GLN A 421 10.64 -23.05 -5.09
N ALA A 422 11.49 -22.19 -4.55
CA ALA A 422 12.77 -21.89 -5.20
C ALA A 422 13.51 -23.17 -5.56
N ILE A 423 13.52 -24.12 -4.62
CA ILE A 423 14.10 -25.46 -4.82
C ILE A 423 13.38 -26.28 -5.88
N ARG A 424 12.05 -26.16 -5.90
CA ARG A 424 11.17 -26.79 -6.88
C ARG A 424 11.43 -26.27 -8.31
N LYS A 425 11.75 -24.98 -8.45
CA LYS A 425 12.14 -24.41 -9.76
C LYS A 425 13.48 -24.91 -10.34
N LYS A 426 14.27 -25.65 -9.54
CA LYS A 426 15.54 -26.26 -9.97
C LYS A 426 15.52 -27.80 -10.10
N MET A 427 14.37 -28.45 -9.83
CA MET A 427 14.27 -29.94 -9.87
C MET A 427 14.61 -30.59 -11.23
N ASP A 428 14.65 -29.80 -12.30
CA ASP A 428 15.22 -30.23 -13.58
C ASP A 428 16.73 -30.48 -13.46
N LEU A 429 17.44 -29.53 -12.84
CA LEU A 429 18.89 -29.65 -12.61
C LEU A 429 19.34 -30.70 -11.55
N ILE A 430 18.40 -31.25 -10.80
CA ILE A 430 18.67 -32.09 -9.63
C ILE A 430 18.17 -33.50 -9.94
N ASP A 431 18.58 -34.46 -9.10
CA ASP A 431 17.99 -35.79 -9.05
C ASP A 431 17.60 -36.14 -7.59
N LEU A 432 16.36 -36.63 -7.39
CA LEU A 432 15.94 -37.24 -6.10
C LEU A 432 16.74 -38.51 -5.80
N GLU A 433 17.21 -39.22 -6.84
CA GLU A 433 17.97 -40.47 -6.69
C GLU A 433 19.50 -40.33 -6.58
N ASP A 434 20.04 -39.12 -6.76
CA ASP A 434 21.48 -38.84 -6.47
C ASP A 434 21.69 -38.98 -4.95
N GLU A 435 22.93 -39.16 -4.52
CA GLU A 435 23.21 -39.40 -3.09
C GLU A 435 23.21 -38.10 -2.29
N THR A 436 24.01 -37.14 -2.77
CA THR A 436 23.82 -35.72 -2.45
C THR A 436 23.95 -34.95 -3.80
N ILE A 437 23.87 -33.63 -3.74
CA ILE A 437 23.50 -32.83 -4.91
C ILE A 437 24.65 -31.92 -5.40
N ASP A 438 24.69 -31.68 -6.71
CA ASP A 438 25.66 -30.79 -7.38
C ASP A 438 25.87 -29.48 -6.58
N ALA A 439 27.09 -29.26 -6.06
CA ALA A 439 27.41 -28.06 -5.23
C ALA A 439 27.18 -26.75 -5.98
N GLU A 440 27.75 -26.61 -7.19
CA GLU A 440 27.50 -25.44 -8.09
C GLU A 440 26.03 -24.99 -8.09
N VAL A 441 25.14 -25.93 -8.38
CA VAL A 441 23.69 -25.70 -8.40
C VAL A 441 23.15 -25.27 -7.01
N MET A 442 23.70 -25.83 -5.92
CA MET A 442 23.34 -25.38 -4.55
C MET A 442 23.82 -23.93 -4.29
N ASN A 443 25.13 -23.69 -4.39
CA ASN A 443 25.74 -22.34 -4.34
C ASN A 443 25.01 -21.28 -5.19
N SER A 444 24.55 -21.71 -6.35
CA SER A 444 23.74 -20.87 -7.23
C SER A 444 22.34 -20.51 -6.74
N LEU A 445 21.77 -21.27 -5.79
CA LEU A 445 20.31 -21.23 -5.51
C LEU A 445 19.90 -19.98 -4.78
N ALA A 446 18.96 -19.24 -5.40
CA ALA A 446 18.36 -18.03 -4.80
C ALA A 446 16.81 -17.97 -4.81
N VAL A 447 16.30 -17.26 -3.79
CA VAL A 447 14.89 -17.07 -3.55
C VAL A 447 14.54 -15.77 -4.24
N THR A 448 13.64 -15.88 -5.23
CA THR A 448 13.09 -14.74 -5.98
C THR A 448 11.90 -14.16 -5.23
N MET A 449 11.37 -13.06 -5.75
CA MET A 449 10.12 -12.50 -5.27
C MET A 449 8.94 -13.40 -5.62
N ASP A 450 8.93 -13.93 -6.84
CA ASP A 450 7.82 -14.78 -7.30
C ASP A 450 7.66 -16.04 -6.51
N ASP A 451 8.76 -16.49 -5.91
CA ASP A 451 8.73 -17.55 -4.90
C ASP A 451 7.86 -17.10 -3.70
N PHE A 452 8.16 -15.91 -3.20
CA PHE A 452 7.28 -15.26 -2.23
C PHE A 452 5.82 -15.05 -2.68
N ARG A 453 5.58 -14.61 -3.91
CA ARG A 453 4.18 -14.52 -4.41
C ARG A 453 3.49 -15.87 -4.43
N TRP A 454 4.18 -16.87 -4.99
CA TRP A 454 3.65 -18.24 -4.99
C TRP A 454 3.31 -18.71 -3.59
N ALA A 455 4.23 -18.46 -2.65
CA ALA A 455 3.95 -18.76 -1.22
C ALA A 455 2.72 -18.03 -0.70
N LEU A 456 2.70 -16.73 -0.89
CA LEU A 456 1.56 -15.91 -0.45
C LEU A 456 0.24 -16.39 -0.98
N SER A 457 0.23 -16.78 -2.25
CA SER A 457 -0.98 -17.35 -2.86
C SER A 457 -1.38 -18.74 -2.33
N GLN A 458 -0.51 -19.45 -1.59
CA GLN A 458 -0.89 -20.74 -0.94
C GLN A 458 -1.47 -20.55 0.48
N SER A 459 -0.80 -19.72 1.26
CA SER A 459 -1.25 -19.36 2.61
C SER A 459 -2.28 -18.18 2.63
N ASN A 460 -2.62 -17.61 1.48
CA ASN A 460 -3.78 -16.70 1.35
C ASN A 460 -3.63 -15.44 2.20
N THR B 14 -10.26 -12.55 -20.52
CA THR B 14 -10.20 -11.81 -19.21
C THR B 14 -11.38 -10.80 -19.08
N ALA B 15 -11.23 -9.81 -18.19
CA ALA B 15 -12.02 -8.58 -18.28
C ALA B 15 -11.48 -7.69 -19.42
N ILE B 16 -11.95 -7.96 -20.64
CA ILE B 16 -11.24 -7.54 -21.87
C ILE B 16 -11.85 -6.29 -22.59
N LEU B 17 -12.76 -5.55 -21.97
CA LEU B 17 -13.32 -4.33 -22.59
C LEU B 17 -12.43 -3.08 -22.38
N LYS B 18 -11.54 -2.89 -23.36
CA LYS B 18 -10.44 -1.91 -23.35
C LYS B 18 -10.37 -1.16 -24.69
N GLN B 19 -10.01 0.13 -24.62
CA GLN B 19 -9.85 1.00 -25.80
C GLN B 19 -8.97 0.44 -26.92
N LYS B 20 -9.49 0.50 -28.16
CA LYS B 20 -8.80 0.07 -29.37
C LYS B 20 -8.33 1.29 -30.18
N ASN B 21 -7.12 1.20 -30.76
CA ASN B 21 -6.62 2.24 -31.67
C ASN B 21 -7.42 2.28 -32.98
N ARG B 22 -7.77 3.50 -33.38
CA ARG B 22 -8.54 3.75 -34.59
C ARG B 22 -8.11 5.09 -35.18
N PRO B 23 -8.54 5.38 -36.43
CA PRO B 23 -8.16 6.67 -37.04
C PRO B 23 -8.72 7.89 -36.28
N ASN B 24 -10.03 7.89 -36.05
CA ASN B 24 -10.76 9.07 -35.56
C ASN B 24 -10.64 9.34 -34.05
N ARG B 25 -9.92 8.47 -33.33
CA ARG B 25 -9.58 8.68 -31.92
C ARG B 25 -8.21 9.33 -31.83
N LEU B 26 -8.07 10.36 -30.99
CA LEU B 26 -6.83 11.16 -30.92
C LEU B 26 -6.47 11.58 -29.52
N ILE B 27 -5.17 11.72 -29.23
CA ILE B 27 -4.75 12.12 -27.87
C ILE B 27 -4.80 13.65 -27.68
N VAL B 28 -5.39 14.09 -26.58
CA VAL B 28 -5.67 15.52 -26.36
C VAL B 28 -4.43 16.27 -25.89
N ASP B 29 -4.22 17.44 -26.46
CA ASP B 29 -3.03 18.24 -26.22
C ASP B 29 -3.38 19.70 -26.44
N GLU B 30 -2.69 20.57 -25.70
CA GLU B 30 -3.01 22.01 -25.72
C GLU B 30 -2.82 22.60 -27.11
N ALA B 31 -3.70 23.53 -27.48
CA ALA B 31 -3.58 24.25 -28.74
C ALA B 31 -2.54 25.31 -28.56
N ILE B 32 -1.98 25.75 -29.67
CA ILE B 32 -1.03 26.84 -29.62
C ILE B 32 -1.81 28.14 -29.39
N ASN B 33 -2.76 28.45 -30.27
CA ASN B 33 -3.60 29.64 -30.10
C ASN B 33 -4.76 29.36 -29.14
N GLU B 34 -5.30 30.45 -28.61
CA GLU B 34 -6.37 30.42 -27.64
C GLU B 34 -7.65 30.88 -28.30
N ASP B 35 -8.07 30.22 -29.39
CA ASP B 35 -9.43 30.48 -29.95
C ASP B 35 -10.42 29.34 -29.70
N ASN B 36 -11.54 29.76 -29.16
CA ASN B 36 -12.49 28.86 -28.57
C ASN B 36 -13.17 27.95 -29.56
N SER B 37 -13.15 28.28 -30.85
CA SER B 37 -13.71 27.36 -31.83
C SER B 37 -12.63 26.62 -32.59
N VAL B 38 -11.39 26.59 -32.07
CA VAL B 38 -10.26 26.07 -32.87
C VAL B 38 -9.58 24.80 -32.38
N VAL B 39 -9.65 23.81 -33.28
CA VAL B 39 -9.08 22.48 -33.06
C VAL B 39 -8.06 22.16 -34.16
N SER B 40 -6.81 22.10 -33.74
CA SER B 40 -5.68 21.99 -34.62
C SER B 40 -5.36 20.49 -34.86
N LEU B 41 -5.32 20.05 -36.12
CA LEU B 41 -4.80 18.71 -36.50
C LEU B 41 -3.57 18.77 -37.43
N SER B 42 -2.93 17.62 -37.67
CA SER B 42 -1.86 17.52 -38.65
C SER B 42 -2.44 17.14 -40.01
N GLN B 43 -1.95 17.80 -41.07
CA GLN B 43 -2.36 17.53 -42.45
C GLN B 43 -2.55 16.04 -42.77
N PRO B 44 -1.47 15.23 -42.58
CA PRO B 44 -1.61 13.79 -42.84
C PRO B 44 -2.92 13.23 -42.28
N LYS B 45 -3.23 13.60 -41.04
CA LYS B 45 -4.42 13.10 -40.34
C LYS B 45 -5.71 13.57 -41.01
N MET B 46 -5.74 14.86 -41.37
CA MET B 46 -6.90 15.44 -42.06
C MET B 46 -7.15 14.71 -43.38
N ASP B 47 -6.05 14.48 -44.11
CA ASP B 47 -6.11 13.74 -45.39
C ASP B 47 -6.63 12.32 -45.16
N GLU B 48 -5.95 11.58 -44.28
CA GLU B 48 -6.42 10.24 -43.87
C GLU B 48 -7.91 10.24 -43.55
N LEU B 49 -8.36 11.25 -42.82
CA LEU B 49 -9.77 11.32 -42.41
C LEU B 49 -10.77 11.96 -43.40
N GLN B 50 -10.29 12.54 -44.51
CA GLN B 50 -11.15 13.21 -45.53
C GLN B 50 -11.73 14.52 -44.99
N LEU B 51 -10.85 15.33 -44.41
CA LEU B 51 -11.26 16.57 -43.76
C LEU B 51 -10.53 17.75 -44.34
N PHE B 52 -11.25 18.83 -44.58
CA PHE B 52 -10.66 20.05 -45.13
C PHE B 52 -10.64 21.20 -44.13
N ARG B 53 -9.57 22.01 -44.23
CA ARG B 53 -9.35 23.19 -43.35
C ARG B 53 -10.65 23.94 -43.15
N GLY B 54 -10.99 24.21 -41.90
CA GLY B 54 -12.19 24.97 -41.60
C GLY B 54 -13.49 24.24 -41.89
N ASP B 55 -13.45 22.90 -41.94
CA ASP B 55 -14.67 22.11 -41.78
C ASP B 55 -15.14 22.24 -40.34
N THR B 56 -16.37 21.77 -40.11
CA THR B 56 -16.96 21.71 -38.77
C THR B 56 -16.96 20.25 -38.26
N VAL B 57 -16.41 20.07 -37.06
CA VAL B 57 -16.25 18.73 -36.52
C VAL B 57 -16.98 18.54 -35.21
N LEU B 58 -17.39 17.29 -35.02
CA LEU B 58 -18.04 16.82 -33.81
C LEU B 58 -17.01 16.10 -32.96
N LEU B 59 -16.58 16.74 -31.89
CA LEU B 59 -15.72 16.11 -30.87
C LEU B 59 -16.57 15.51 -29.80
N LYS B 60 -16.36 14.24 -29.46
CA LYS B 60 -17.12 13.59 -28.37
C LYS B 60 -16.10 13.26 -27.29
N GLY B 61 -16.46 13.51 -26.03
CA GLY B 61 -15.49 13.43 -24.93
C GLY B 61 -15.94 12.49 -23.82
N LYS B 62 -15.75 12.92 -22.58
CA LYS B 62 -16.24 12.12 -21.44
C LYS B 62 -17.76 12.31 -21.27
N LYS B 63 -18.41 11.47 -20.48
CA LYS B 63 -19.78 11.74 -19.98
C LYS B 63 -20.79 12.20 -21.03
N ARG B 64 -20.73 11.55 -22.18
CA ARG B 64 -21.58 11.84 -23.36
C ARG B 64 -21.42 13.24 -23.90
N ARG B 65 -20.59 14.05 -23.27
CA ARG B 65 -20.40 15.41 -23.70
C ARG B 65 -19.82 15.40 -25.10
N GLU B 66 -20.35 16.33 -25.92
CA GLU B 66 -19.89 16.65 -27.26
C GLU B 66 -19.59 18.13 -27.34
N ALA B 67 -18.63 18.49 -28.17
CA ALA B 67 -18.47 19.87 -28.60
C ALA B 67 -18.38 19.85 -30.10
N VAL B 68 -18.69 20.99 -30.71
CA VAL B 68 -18.66 21.12 -32.15
C VAL B 68 -17.72 22.26 -32.44
N CYS B 69 -16.83 22.08 -33.41
CA CYS B 69 -15.67 22.98 -33.56
C CYS B 69 -15.21 23.17 -34.98
N ILE B 70 -14.29 24.12 -35.13
CA ILE B 70 -13.58 24.31 -36.37
C ILE B 70 -12.21 23.65 -36.33
N VAL B 71 -12.06 22.70 -37.23
CA VAL B 71 -10.80 22.03 -37.44
C VAL B 71 -9.92 22.90 -38.30
N LEU B 72 -8.64 22.95 -37.95
CA LEU B 72 -7.64 23.63 -38.78
C LEU B 72 -6.35 22.84 -38.80
N SER B 73 -5.42 23.27 -39.65
CA SER B 73 -4.16 22.55 -39.87
C SER B 73 -2.97 23.24 -39.15
N ASP B 74 -2.18 22.41 -38.44
CA ASP B 74 -1.01 22.85 -37.65
C ASP B 74 0.15 21.89 -37.90
N ASP B 75 1.31 22.45 -38.22
CA ASP B 75 2.49 21.64 -38.52
C ASP B 75 3.02 20.94 -37.27
N THR B 76 3.28 21.67 -36.18
CA THR B 76 3.88 21.05 -34.96
C THR B 76 3.02 19.99 -34.21
N CYS B 77 1.76 19.81 -34.64
CA CYS B 77 0.87 18.75 -34.15
C CYS B 77 1.26 17.34 -34.63
N SER B 78 1.44 16.40 -33.70
CA SER B 78 1.69 14.98 -34.03
C SER B 78 0.51 14.38 -34.81
N ASP B 79 0.72 13.26 -35.49
CA ASP B 79 -0.37 12.62 -36.24
C ASP B 79 -1.47 12.03 -35.34
N GLU B 80 -1.06 11.46 -34.21
CA GLU B 80 -1.97 10.80 -33.27
C GLU B 80 -2.55 11.70 -32.18
N LYS B 81 -2.10 12.96 -32.17
CA LYS B 81 -2.64 13.96 -31.25
C LYS B 81 -3.66 14.94 -31.86
N ILE B 82 -4.26 15.74 -30.98
CA ILE B 82 -5.18 16.79 -31.35
C ILE B 82 -5.03 17.94 -30.36
N ARG B 83 -5.12 19.17 -30.85
CA ARG B 83 -4.87 20.37 -30.03
C ARG B 83 -6.16 21.14 -29.72
N MET B 84 -6.31 21.55 -28.46
CA MET B 84 -7.49 22.36 -28.11
C MET B 84 -7.30 23.12 -26.80
N ASN B 85 -7.69 24.37 -26.81
CA ASN B 85 -7.55 25.26 -25.64
C ASN B 85 -8.53 24.87 -24.55
N ARG B 86 -8.23 25.24 -23.31
CA ARG B 86 -9.03 24.81 -22.11
C ARG B 86 -10.48 24.72 -22.35
N VAL B 87 -11.00 25.84 -22.79
CA VAL B 87 -12.41 26.04 -22.96
C VAL B 87 -13.10 24.94 -23.78
N VAL B 88 -12.37 24.25 -24.67
CA VAL B 88 -12.93 23.10 -25.41
C VAL B 88 -12.83 21.85 -24.54
N ARG B 89 -11.65 21.61 -23.99
CA ARG B 89 -11.44 20.45 -23.12
C ARG B 89 -12.47 20.39 -21.99
N ASN B 90 -12.68 21.53 -21.34
CA ASN B 90 -13.72 21.65 -20.33
C ASN B 90 -15.05 21.22 -20.85
N ASN B 91 -15.41 21.62 -22.06
CA ASN B 91 -16.75 21.27 -22.53
C ASN B 91 -16.82 19.87 -23.14
N LEU B 92 -15.67 19.25 -23.37
CA LEU B 92 -15.65 17.80 -23.64
C LEU B 92 -15.47 16.97 -22.35
N ARG B 93 -15.32 17.73 -21.25
CA ARG B 93 -15.00 17.28 -19.90
C ARG B 93 -13.70 16.51 -19.84
N VAL B 94 -12.84 16.69 -20.83
CA VAL B 94 -11.60 15.93 -20.91
C VAL B 94 -10.49 16.79 -20.34
N ARG B 95 -9.31 16.17 -20.31
CA ARG B 95 -8.10 16.78 -19.78
C ARG B 95 -6.90 16.41 -20.62
N LEU B 96 -5.84 17.19 -20.39
CA LEU B 96 -4.62 17.10 -21.17
C LEU B 96 -4.12 15.69 -21.20
N GLY B 97 -4.23 15.07 -22.36
CA GLY B 97 -3.74 13.73 -22.57
C GLY B 97 -4.78 12.66 -22.37
N ASP B 98 -6.05 13.02 -22.48
CA ASP B 98 -7.11 12.02 -22.64
C ASP B 98 -7.13 11.62 -24.11
N VAL B 99 -8.06 10.75 -24.49
CA VAL B 99 -8.30 10.42 -25.89
C VAL B 99 -9.62 11.06 -26.20
N ILE B 100 -9.83 11.59 -27.41
CA ILE B 100 -11.21 11.94 -27.87
C ILE B 100 -11.52 11.43 -29.29
N SER B 101 -12.82 11.41 -29.60
CA SER B 101 -13.34 10.89 -30.86
C SER B 101 -13.81 12.06 -31.69
N ILE B 102 -13.31 12.10 -32.93
CA ILE B 102 -13.63 13.18 -33.87
C ILE B 102 -14.28 12.64 -35.14
N GLN B 103 -15.27 13.36 -35.62
CA GLN B 103 -15.94 12.97 -36.84
C GLN B 103 -16.53 14.21 -37.51
N PRO B 104 -16.77 14.11 -38.83
CA PRO B 104 -17.30 15.24 -39.57
C PRO B 104 -18.70 15.68 -39.13
N CYS B 105 -18.96 16.98 -39.18
CA CYS B 105 -20.31 17.52 -38.97
C CYS B 105 -20.82 18.21 -40.26
N PRO B 106 -21.31 17.42 -41.26
CA PRO B 106 -21.75 18.04 -42.54
C PRO B 106 -23.22 18.52 -42.60
N ASP B 107 -23.91 18.53 -41.46
CA ASP B 107 -25.33 18.92 -41.36
C ASP B 107 -25.48 20.33 -40.91
N VAL B 108 -24.37 20.99 -40.61
CA VAL B 108 -24.38 22.14 -39.73
C VAL B 108 -25.12 23.33 -40.35
N LYS B 109 -26.29 23.63 -39.79
CA LYS B 109 -27.12 24.76 -40.22
C LYS B 109 -26.58 26.07 -39.72
N TYR B 110 -26.91 27.11 -40.47
CA TYR B 110 -26.76 28.47 -40.00
C TYR B 110 -27.89 28.61 -38.99
N GLY B 111 -27.53 29.00 -37.77
CA GLY B 111 -28.50 29.12 -36.70
C GLY B 111 -29.43 30.30 -36.93
N LYS B 112 -30.65 30.19 -36.47
CA LYS B 112 -31.60 31.26 -36.60
C LYS B 112 -31.55 32.17 -35.39
N ARG B 113 -31.61 31.58 -34.20
CA ARG B 113 -31.69 32.37 -32.96
C ARG B 113 -31.22 31.54 -31.77
N ILE B 114 -30.30 32.11 -30.98
CA ILE B 114 -29.56 31.37 -29.94
C ILE B 114 -29.56 32.14 -28.59
N HIS B 115 -29.87 31.41 -27.52
CA HIS B 115 -30.05 32.00 -26.20
C HIS B 115 -28.79 31.77 -25.44
N VAL B 116 -28.18 32.85 -24.98
CA VAL B 116 -26.97 32.70 -24.17
C VAL B 116 -27.07 33.47 -22.89
N LEU B 117 -26.35 32.99 -21.89
CA LEU B 117 -26.41 33.69 -20.62
C LEU B 117 -25.05 33.75 -20.01
N PRO B 118 -24.84 34.70 -19.12
CA PRO B 118 -23.55 34.76 -18.47
C PRO B 118 -23.55 34.17 -17.08
N ILE B 119 -22.34 33.87 -16.62
CA ILE B 119 -22.20 33.08 -15.42
C ILE B 119 -21.85 33.90 -14.17
N ASP B 120 -22.70 33.72 -13.17
CA ASP B 120 -22.96 34.69 -12.10
C ASP B 120 -21.72 35.34 -11.48
N ASP B 121 -20.70 34.52 -11.21
CA ASP B 121 -19.53 35.04 -10.51
C ASP B 121 -18.52 35.75 -11.42
N THR B 122 -18.57 35.53 -12.75
CA THR B 122 -17.73 36.34 -13.69
C THR B 122 -18.43 37.60 -14.20
N VAL B 123 -19.53 37.98 -13.54
CA VAL B 123 -20.26 39.19 -13.85
C VAL B 123 -20.62 40.06 -12.62
N GLU B 124 -20.00 39.80 -11.46
CA GLU B 124 -20.30 40.59 -10.26
C GLU B 124 -20.16 42.08 -10.53
N GLY B 125 -21.30 42.78 -10.48
CA GLY B 125 -21.41 44.16 -10.95
C GLY B 125 -21.55 44.26 -12.47
N ILE B 126 -22.54 43.55 -13.04
CA ILE B 126 -22.80 43.57 -14.51
C ILE B 126 -22.87 44.99 -15.07
N THR B 127 -21.99 45.29 -16.01
CA THR B 127 -22.03 46.55 -16.71
C THR B 127 -23.21 46.52 -17.73
N GLY B 128 -23.83 45.35 -17.95
CA GLY B 128 -25.19 45.25 -18.55
C GLY B 128 -25.33 45.54 -20.04
N ASN B 129 -24.25 45.30 -20.78
CA ASN B 129 -24.02 45.85 -22.11
C ASN B 129 -23.34 44.81 -22.99
N LEU B 130 -23.70 43.56 -22.75
CA LEU B 130 -22.80 42.46 -23.06
C LEU B 130 -22.88 42.07 -24.55
N PHE B 131 -24.11 42.23 -25.08
CA PHE B 131 -24.41 42.13 -26.51
C PHE B 131 -23.42 42.97 -27.26
N GLU B 132 -23.29 44.24 -26.84
CA GLU B 132 -22.34 45.17 -27.48
C GLU B 132 -20.84 44.95 -27.09
N VAL B 133 -20.49 44.91 -25.80
CA VAL B 133 -19.04 44.81 -25.39
C VAL B 133 -18.37 43.44 -25.66
N TYR B 134 -19.08 42.35 -25.34
CA TYR B 134 -18.44 41.03 -25.28
C TYR B 134 -18.82 40.21 -26.46
N LEU B 135 -20.12 39.90 -26.54
CA LEU B 135 -20.60 38.88 -27.48
C LEU B 135 -20.51 39.36 -28.93
N LYS B 136 -21.20 40.46 -29.26
CA LYS B 136 -21.29 40.88 -30.65
C LYS B 136 -19.90 40.90 -31.32
N PRO B 137 -18.87 41.57 -30.73
CA PRO B 137 -17.53 41.54 -31.34
C PRO B 137 -17.08 40.12 -31.60
N TYR B 138 -17.16 39.30 -30.55
CA TYR B 138 -16.71 37.91 -30.57
C TYR B 138 -17.37 37.14 -31.73
N PHE B 139 -18.69 37.07 -31.69
CA PHE B 139 -19.45 36.27 -32.66
C PHE B 139 -19.34 36.82 -34.07
N LEU B 140 -19.54 38.13 -34.17
CA LEU B 140 -19.84 38.80 -35.42
C LEU B 140 -18.80 38.60 -36.52
N GLU B 141 -19.30 38.15 -37.68
CA GLU B 141 -18.53 37.88 -38.90
C GLU B 141 -17.43 36.83 -38.72
N ALA B 142 -17.58 36.00 -37.71
CA ALA B 142 -16.65 34.91 -37.42
C ALA B 142 -17.19 33.57 -37.87
N TYR B 143 -18.51 33.43 -37.85
CA TYR B 143 -19.22 32.23 -38.29
C TYR B 143 -18.87 31.03 -37.40
N ARG B 144 -18.79 31.27 -36.08
CA ARG B 144 -18.38 30.25 -35.14
C ARG B 144 -19.48 29.22 -35.05
N PRO B 145 -19.13 27.92 -34.86
CA PRO B 145 -20.15 26.96 -34.51
C PRO B 145 -20.31 26.97 -33.00
N ILE B 146 -21.54 26.76 -32.53
CA ILE B 146 -21.75 26.52 -31.08
C ILE B 146 -22.82 25.51 -30.84
N ARG B 147 -22.66 24.88 -29.67
CA ARG B 147 -23.48 23.81 -29.20
C ARG B 147 -24.14 24.15 -27.88
N LYS B 148 -25.36 23.66 -27.79
CA LYS B 148 -26.19 23.71 -26.64
C LYS B 148 -25.37 23.19 -25.51
N GLY B 149 -25.33 23.99 -24.44
CA GLY B 149 -24.59 23.65 -23.24
C GLY B 149 -23.09 23.76 -23.37
N ASP B 150 -22.60 24.40 -24.43
CA ASP B 150 -21.21 24.84 -24.43
C ASP B 150 -21.23 25.99 -23.42
N ILE B 151 -20.19 26.04 -22.61
CA ILE B 151 -19.83 27.22 -21.85
C ILE B 151 -18.59 27.74 -22.55
N PHE B 152 -18.59 29.03 -22.91
CA PHE B 152 -17.44 29.66 -23.59
C PHE B 152 -17.04 30.97 -22.88
N LEU B 153 -15.88 31.49 -23.26
CA LEU B 153 -15.23 32.58 -22.55
C LEU B 153 -14.87 33.70 -23.52
N VAL B 154 -15.23 34.93 -23.14
CA VAL B 154 -14.95 36.11 -23.96
C VAL B 154 -14.28 37.20 -23.12
N ARG B 155 -13.31 37.86 -23.74
CA ARG B 155 -12.56 38.96 -23.13
C ARG B 155 -13.05 40.20 -23.81
N GLY B 156 -13.50 41.16 -23.01
CA GLY B 156 -13.96 42.44 -23.55
C GLY B 156 -13.88 43.50 -22.47
N GLY B 157 -13.13 44.56 -22.74
CA GLY B 157 -12.62 45.40 -21.67
C GLY B 157 -11.62 44.58 -20.87
N MET B 158 -11.29 45.03 -19.67
CA MET B 158 -10.28 44.37 -18.85
C MET B 158 -10.78 43.07 -18.23
N ARG B 159 -12.11 42.94 -18.16
CA ARG B 159 -12.78 41.78 -17.56
C ARG B 159 -12.78 40.61 -18.57
N ALA B 160 -12.97 39.41 -18.04
CA ALA B 160 -13.28 38.23 -18.83
C ALA B 160 -14.62 37.72 -18.35
N VAL B 161 -15.43 37.19 -19.27
CA VAL B 161 -16.82 36.75 -18.94
C VAL B 161 -17.18 35.42 -19.59
N GLU B 162 -17.79 34.55 -18.77
CA GLU B 162 -18.13 33.21 -19.19
C GLU B 162 -19.61 33.13 -19.50
N PHE B 163 -19.91 32.62 -20.70
CA PHE B 163 -21.24 32.52 -21.26
C PHE B 163 -21.65 31.10 -21.59
N LYS B 164 -22.74 30.64 -21.00
CA LYS B 164 -23.37 29.39 -21.39
C LYS B 164 -24.34 29.59 -22.54
N VAL B 165 -24.22 28.69 -23.52
CA VAL B 165 -25.21 28.52 -24.58
C VAL B 165 -26.37 27.71 -24.01
N VAL B 166 -27.56 28.31 -23.90
CA VAL B 166 -28.72 27.64 -23.24
C VAL B 166 -29.55 26.87 -24.24
N GLU B 167 -29.83 27.50 -25.36
CA GLU B 167 -30.55 26.85 -26.44
C GLU B 167 -30.15 27.50 -27.76
N THR B 168 -30.24 26.73 -28.83
CA THR B 168 -29.92 27.23 -30.14
C THR B 168 -30.98 26.75 -31.11
N ASP B 169 -31.50 27.66 -31.93
CA ASP B 169 -32.48 27.31 -32.96
C ASP B 169 -31.99 27.16 -34.43
N PRO B 170 -31.50 25.97 -34.82
CA PRO B 170 -32.17 24.76 -34.41
C PRO B 170 -31.06 24.22 -33.52
N SER B 171 -31.38 23.23 -32.69
CA SER B 171 -30.42 22.61 -31.79
C SER B 171 -30.03 21.17 -32.14
N PRO B 172 -28.75 20.79 -31.86
CA PRO B 172 -28.10 21.20 -30.62
C PRO B 172 -26.88 22.00 -31.03
N TYR B 173 -26.53 22.01 -32.32
CA TYR B 173 -25.44 22.85 -32.77
C TYR B 173 -25.92 23.78 -33.89
N CYS B 174 -25.26 24.93 -34.00
CA CYS B 174 -25.48 25.78 -35.16
C CYS B 174 -24.21 26.54 -35.52
N ILE B 175 -24.25 27.20 -36.69
CA ILE B 175 -23.27 28.25 -37.06
C ILE B 175 -23.88 29.64 -36.81
N VAL B 176 -23.21 30.43 -35.98
CA VAL B 176 -23.72 31.76 -35.60
C VAL B 176 -23.23 32.76 -36.64
N ALA B 177 -24.13 33.15 -37.55
CA ALA B 177 -23.86 34.11 -38.65
C ALA B 177 -24.50 35.47 -38.36
N PRO B 178 -24.06 36.58 -39.03
CA PRO B 178 -24.53 37.94 -38.72
C PRO B 178 -26.00 38.10 -38.33
N ASP B 179 -26.89 37.39 -39.04
CA ASP B 179 -28.38 37.44 -38.84
C ASP B 179 -29.03 36.41 -37.84
N THR B 180 -28.18 35.63 -37.17
CA THR B 180 -28.61 34.75 -36.09
C THR B 180 -28.89 35.56 -34.83
N VAL B 181 -30.14 35.58 -34.39
CA VAL B 181 -30.55 36.47 -33.30
C VAL B 181 -29.96 35.98 -31.98
N ILE B 182 -29.52 36.89 -31.12
CA ILE B 182 -28.70 36.55 -29.94
C ILE B 182 -29.36 36.95 -28.61
N HIS B 183 -30.04 36.01 -27.96
CA HIS B 183 -30.86 36.34 -26.77
C HIS B 183 -30.04 36.37 -25.48
N CYS B 184 -30.01 37.55 -24.85
CA CYS B 184 -29.30 37.80 -23.60
C CYS B 184 -30.29 37.91 -22.44
N GLU B 185 -31.36 37.12 -22.53
CA GLU B 185 -32.46 37.19 -21.61
C GLU B 185 -32.45 36.01 -20.64
N GLY B 186 -32.77 36.30 -19.38
CA GLY B 186 -32.88 35.30 -18.30
C GLY B 186 -32.22 35.80 -17.04
N GLU B 187 -31.97 34.88 -16.11
CA GLU B 187 -31.27 35.16 -14.86
C GLU B 187 -29.83 34.59 -14.91
N PRO B 188 -28.78 35.43 -14.70
CA PRO B 188 -27.36 34.99 -14.65
C PRO B 188 -27.10 33.61 -14.02
N ILE B 189 -26.38 32.72 -14.71
CA ILE B 189 -26.35 31.30 -14.29
C ILE B 189 -25.44 31.07 -13.10
N LYS B 190 -25.96 30.40 -12.10
CA LYS B 190 -25.22 30.25 -10.88
C LYS B 190 -23.99 29.36 -11.13
N ARG B 191 -22.83 29.82 -10.62
CA ARG B 191 -21.56 29.09 -10.78
C ARG B 191 -21.86 27.69 -10.35
N GLU B 192 -22.40 27.61 -9.13
CA GLU B 192 -22.90 26.39 -8.58
C GLU B 192 -23.56 25.55 -9.66
N ASP B 193 -24.66 26.01 -10.27
CA ASP B 193 -25.42 25.10 -11.15
C ASP B 193 -24.64 24.61 -12.39
N GLU B 194 -23.44 25.14 -12.61
CA GLU B 194 -22.47 24.49 -13.50
C GLU B 194 -21.43 23.61 -12.80
N GLU B 195 -20.85 24.11 -11.70
CA GLU B 195 -19.92 23.27 -10.90
C GLU B 195 -20.63 22.05 -10.23
N GLU B 196 -21.96 21.91 -10.41
CA GLU B 196 -22.68 20.64 -10.13
C GLU B 196 -22.51 19.68 -11.30
N SER B 197 -22.69 20.18 -12.52
CA SER B 197 -22.51 19.37 -13.74
C SER B 197 -21.04 18.99 -13.99
N TRP B 198 -20.12 19.88 -13.59
CA TRP B 198 -18.69 19.55 -13.59
C TRP B 198 -18.41 18.36 -12.64
N ASN B 199 -18.89 18.47 -11.39
CA ASN B 199 -18.77 17.41 -10.35
C ASN B 199 -19.95 16.42 -10.38
N GLU B 200 -20.24 15.88 -11.57
CA GLU B 200 -21.13 14.73 -11.74
C GLU B 200 -20.26 13.57 -12.18
N VAL B 201 -20.68 12.37 -11.80
CA VAL B 201 -19.82 11.19 -11.75
C VAL B 201 -19.87 10.38 -13.02
N GLY B 202 -18.72 9.93 -13.46
CA GLY B 202 -18.63 8.93 -14.54
C GLY B 202 -17.52 7.96 -14.23
N TYR B 203 -17.27 7.00 -15.13
CA TYR B 203 -16.46 5.83 -14.80
C TYR B 203 -15.16 6.18 -14.08
N ASP B 204 -14.53 7.26 -14.52
CA ASP B 204 -13.25 7.74 -13.97
C ASP B 204 -13.23 8.15 -12.50
N ASP B 205 -14.41 8.26 -11.90
CA ASP B 205 -14.53 8.58 -10.49
C ASP B 205 -14.81 7.30 -9.69
N ILE B 206 -14.61 6.13 -10.31
CA ILE B 206 -14.70 4.84 -9.63
C ILE B 206 -13.39 4.09 -9.57
N GLY B 207 -12.99 3.75 -8.36
CA GLY B 207 -11.69 3.16 -8.11
C GLY B 207 -11.66 1.73 -7.65
N GLY B 208 -10.96 0.89 -8.42
CA GLY B 208 -10.63 -0.46 -8.01
C GLY B 208 -11.65 -1.46 -8.46
N CYS B 209 -12.13 -1.31 -9.70
CA CYS B 209 -13.23 -2.12 -10.15
C CYS B 209 -13.20 -2.51 -11.60
N ARG B 210 -12.06 -2.38 -12.25
CA ARG B 210 -12.07 -2.62 -13.67
C ARG B 210 -12.78 -3.95 -13.93
N LYS B 211 -12.38 -4.95 -13.17
CA LYS B 211 -12.94 -6.29 -13.31
C LYS B 211 -14.45 -6.27 -13.52
N GLN B 212 -15.13 -5.56 -12.61
CA GLN B 212 -16.58 -5.52 -12.54
C GLN B 212 -17.16 -4.56 -13.54
N LEU B 213 -16.58 -3.36 -13.63
CA LEU B 213 -17.07 -2.43 -14.64
C LEU B 213 -17.14 -3.15 -15.99
N ALA B 214 -16.02 -3.79 -16.30
CA ALA B 214 -15.95 -4.61 -17.49
C ALA B 214 -17.16 -5.48 -17.62
N GLN B 215 -17.49 -6.23 -16.58
CA GLN B 215 -18.65 -7.13 -16.61
C GLN B 215 -19.95 -6.39 -16.89
N ILE B 216 -20.18 -5.36 -16.08
CA ILE B 216 -21.39 -4.57 -16.23
C ILE B 216 -21.56 -4.10 -17.67
N LYS B 217 -20.52 -3.45 -18.21
CA LYS B 217 -20.54 -3.05 -19.63
C LYS B 217 -20.98 -4.14 -20.59
N GLU B 218 -20.55 -5.37 -20.31
CA GLU B 218 -20.83 -6.44 -21.23
C GLU B 218 -22.15 -7.21 -20.97
N MET B 219 -22.68 -7.16 -19.76
CA MET B 219 -24.05 -7.69 -19.53
C MET B 219 -25.14 -6.68 -19.81
N VAL B 220 -24.76 -5.38 -19.83
CA VAL B 220 -25.72 -4.29 -20.03
C VAL B 220 -25.49 -3.52 -21.32
N GLU B 221 -24.35 -2.84 -21.45
CA GLU B 221 -24.22 -1.90 -22.57
C GLU B 221 -24.13 -2.68 -23.85
N LEU B 222 -23.41 -3.78 -23.82
CA LEU B 222 -23.16 -4.52 -25.05
C LEU B 222 -24.39 -5.14 -25.76
N PRO B 223 -25.33 -5.69 -24.99
CA PRO B 223 -26.51 -6.22 -25.65
C PRO B 223 -27.54 -5.15 -25.96
N LEU B 224 -27.50 -4.02 -25.27
CA LEU B 224 -28.36 -2.90 -25.64
C LEU B 224 -27.82 -2.20 -26.90
N ARG B 225 -26.52 -2.09 -26.98
CA ARG B 225 -25.87 -1.54 -28.16
C ARG B 225 -25.83 -2.52 -29.35
N HIS B 226 -25.77 -3.84 -29.15
CA HIS B 226 -25.69 -4.74 -30.32
C HIS B 226 -26.63 -5.94 -30.28
N PRO B 227 -27.90 -5.70 -29.98
CA PRO B 227 -28.88 -6.78 -29.89
C PRO B 227 -29.01 -7.67 -31.13
N ALA B 228 -28.56 -7.19 -32.29
CA ALA B 228 -28.38 -7.99 -33.51
C ALA B 228 -27.56 -9.27 -33.23
N LEU B 229 -26.40 -9.01 -32.60
CA LEU B 229 -25.33 -10.00 -32.41
C LEU B 229 -25.70 -11.24 -31.65
N PHE B 230 -26.64 -11.13 -30.75
CA PHE B 230 -26.96 -12.19 -29.84
C PHE B 230 -28.07 -13.06 -30.45
N LYS B 231 -29.09 -12.41 -30.99
CA LYS B 231 -30.14 -13.12 -31.72
C LYS B 231 -29.49 -13.81 -32.91
N ALA B 232 -28.41 -13.19 -33.42
CA ALA B 232 -27.54 -13.75 -34.49
C ALA B 232 -26.65 -15.01 -34.22
N ILE B 233 -26.10 -15.14 -33.00
CA ILE B 233 -25.47 -16.40 -32.52
C ILE B 233 -26.41 -17.20 -31.57
N GLY B 234 -27.70 -16.85 -31.59
CA GLY B 234 -28.78 -17.74 -31.12
C GLY B 234 -28.82 -17.81 -29.63
N VAL B 235 -28.39 -16.71 -28.99
CA VAL B 235 -28.24 -16.58 -27.54
C VAL B 235 -29.12 -15.46 -26.98
N LYS B 236 -29.58 -15.64 -25.76
CA LYS B 236 -30.40 -14.66 -25.08
C LYS B 236 -29.53 -13.84 -24.13
N PRO B 237 -29.75 -12.51 -24.04
CA PRO B 237 -28.92 -11.80 -23.13
C PRO B 237 -29.39 -12.03 -21.69
N PRO B 238 -28.51 -11.74 -20.73
CA PRO B 238 -28.99 -11.63 -19.35
C PRO B 238 -29.79 -10.38 -19.23
N ARG B 239 -30.81 -10.34 -18.37
CA ARG B 239 -31.64 -9.12 -18.29
C ARG B 239 -31.93 -8.51 -16.93
N GLY B 240 -31.74 -9.32 -15.89
CA GLY B 240 -31.59 -8.85 -14.49
C GLY B 240 -30.14 -8.95 -14.00
N ILE B 241 -29.59 -7.84 -13.56
CA ILE B 241 -28.25 -7.86 -12.99
C ILE B 241 -28.29 -7.35 -11.56
N LEU B 242 -27.48 -7.95 -10.69
CA LEU B 242 -27.50 -7.52 -9.29
C LEU B 242 -26.16 -7.13 -8.75
N LEU B 243 -25.99 -5.90 -8.35
CA LEU B 243 -24.74 -5.55 -7.72
C LEU B 243 -24.89 -5.82 -6.27
N TYR B 244 -23.88 -6.48 -5.69
CA TYR B 244 -23.85 -6.63 -4.22
C TYR B 244 -22.50 -6.43 -3.64
N GLY B 245 -22.48 -6.02 -2.40
CA GLY B 245 -21.23 -5.81 -1.72
C GLY B 245 -21.57 -5.54 -0.28
N PRO B 246 -20.57 -5.38 0.58
CA PRO B 246 -20.83 -4.71 1.84
C PRO B 246 -21.09 -3.28 1.52
N PRO B 247 -21.35 -2.47 2.53
CA PRO B 247 -21.65 -1.11 2.22
C PRO B 247 -20.40 -0.27 2.29
N GLY B 248 -20.42 0.74 1.42
CA GLY B 248 -19.31 1.68 1.20
C GLY B 248 -18.43 1.41 0.00
N THR B 249 -18.84 0.40 -0.78
CA THR B 249 -17.96 -0.27 -1.74
C THR B 249 -17.94 0.34 -3.11
N GLY B 250 -19.13 0.88 -3.47
CA GLY B 250 -19.38 1.79 -4.65
C GLY B 250 -20.53 1.44 -5.60
N LYS B 251 -21.57 0.90 -5.04
CA LYS B 251 -22.57 0.33 -5.88
C LYS B 251 -23.46 1.45 -6.37
N THR B 252 -23.97 2.21 -5.39
CA THR B 252 -24.79 3.39 -5.57
C THR B 252 -23.97 4.34 -6.53
N LEU B 253 -22.66 4.44 -6.34
CA LEU B 253 -21.76 5.17 -7.29
C LEU B 253 -21.69 4.62 -8.71
N ILE B 254 -21.44 3.34 -8.84
CA ILE B 254 -21.43 2.74 -10.15
C ILE B 254 -22.69 3.03 -10.92
N ALA B 255 -23.86 2.96 -10.29
CA ALA B 255 -25.14 3.30 -10.99
C ALA B 255 -25.16 4.77 -11.38
N ARG B 256 -24.95 5.65 -10.40
CA ARG B 256 -24.84 7.04 -10.75
C ARG B 256 -23.89 7.21 -11.95
N ALA B 257 -22.77 6.49 -12.06
CA ALA B 257 -21.94 6.63 -13.30
C ALA B 257 -22.54 6.03 -14.52
N VAL B 258 -22.89 4.75 -14.48
CA VAL B 258 -23.56 4.10 -15.62
C VAL B 258 -24.61 5.00 -16.21
N ALA B 259 -25.39 5.64 -15.34
CA ALA B 259 -26.37 6.61 -15.80
C ALA B 259 -25.78 7.77 -16.67
N ASN B 260 -24.77 8.44 -16.15
CA ASN B 260 -24.19 9.54 -16.89
C ASN B 260 -23.43 9.05 -18.10
N GLU B 261 -22.86 7.87 -18.07
CA GLU B 261 -22.10 7.39 -19.24
C GLU B 261 -22.98 6.70 -20.30
N THR B 262 -24.16 6.15 -19.98
CA THR B 262 -24.71 5.17 -20.94
C THR B 262 -25.58 5.68 -22.02
N GLY B 263 -25.55 4.88 -23.11
CA GLY B 263 -26.40 5.02 -24.30
C GLY B 263 -27.87 5.27 -24.03
N ALA B 264 -28.39 4.44 -23.16
CA ALA B 264 -29.80 4.22 -23.07
C ALA B 264 -30.45 5.26 -22.21
N PHE B 265 -31.77 5.35 -22.37
CA PHE B 265 -32.61 6.00 -21.41
C PHE B 265 -32.40 5.17 -20.12
N PHE B 266 -32.34 5.89 -19.02
CA PHE B 266 -32.03 5.32 -17.72
C PHE B 266 -33.12 5.70 -16.75
N PHE B 267 -33.89 4.76 -16.20
CA PHE B 267 -34.77 5.16 -15.12
C PHE B 267 -34.26 4.55 -13.80
N LEU B 268 -34.15 5.41 -12.80
CA LEU B 268 -33.74 5.00 -11.47
C LEU B 268 -34.89 4.82 -10.48
N ILE B 269 -34.95 3.67 -9.85
CA ILE B 269 -35.84 3.45 -8.75
C ILE B 269 -35.08 3.25 -7.46
N ASN B 270 -35.38 4.14 -6.55
CA ASN B 270 -34.75 4.14 -5.27
C ASN B 270 -35.62 3.41 -4.25
N GLY B 271 -35.14 2.30 -3.70
CA GLY B 271 -35.99 1.52 -2.77
C GLY B 271 -36.75 2.25 -1.68
N PRO B 272 -36.02 2.77 -0.74
CA PRO B 272 -36.68 3.42 0.34
C PRO B 272 -37.65 4.52 -0.07
N GLU B 273 -37.35 5.20 -1.19
CA GLU B 273 -38.26 6.19 -1.74
C GLU B 273 -39.57 5.57 -2.27
N ILE B 274 -39.48 4.43 -2.95
CA ILE B 274 -40.68 3.73 -3.38
C ILE B 274 -41.43 3.33 -2.15
N MET B 275 -40.73 2.85 -1.12
CA MET B 275 -41.47 2.38 0.09
C MET B 275 -41.95 3.48 1.03
N SER B 276 -41.42 4.69 0.89
CA SER B 276 -42.00 5.88 1.54
C SER B 276 -43.43 6.23 1.08
N LYS B 277 -43.82 5.84 -0.12
CA LYS B 277 -45.12 6.20 -0.68
C LYS B 277 -46.28 5.37 -0.11
N LEU B 278 -47.50 5.81 -0.47
CA LEU B 278 -48.74 5.33 0.14
C LEU B 278 -49.17 4.06 -0.53
N ALA B 279 -49.93 3.24 0.20
CA ALA B 279 -50.47 1.97 -0.31
C ALA B 279 -50.97 2.23 -1.73
N GLY B 280 -50.30 1.65 -2.72
CA GLY B 280 -50.75 1.78 -4.12
C GLY B 280 -49.97 2.75 -4.98
N GLU B 281 -49.58 3.87 -4.41
CA GLU B 281 -48.73 4.81 -5.15
C GLU B 281 -47.37 4.15 -5.47
N SER B 282 -46.92 3.24 -4.59
CA SER B 282 -45.67 2.51 -4.82
C SER B 282 -45.78 1.64 -6.03
N GLU B 283 -46.78 0.79 -6.00
CA GLU B 283 -47.10 -0.08 -7.11
C GLU B 283 -47.30 0.75 -8.36
N SER B 284 -47.96 1.92 -8.27
CA SER B 284 -48.05 2.80 -9.44
C SER B 284 -46.67 3.13 -9.92
N ASN B 285 -45.86 3.77 -9.09
CA ASN B 285 -44.56 4.26 -9.56
C ASN B 285 -43.68 3.12 -10.14
N LEU B 286 -43.68 1.98 -9.46
CA LEU B 286 -43.06 0.79 -10.03
C LEU B 286 -43.52 0.52 -11.45
N ARG B 287 -44.83 0.46 -11.70
CA ARG B 287 -45.32 0.31 -13.08
C ARG B 287 -44.84 1.46 -13.96
N LYS B 288 -45.14 2.69 -13.58
CA LYS B 288 -44.73 3.86 -14.38
C LYS B 288 -43.28 3.74 -14.83
N ALA B 289 -42.38 3.40 -13.95
CA ALA B 289 -41.02 3.24 -14.41
C ALA B 289 -40.87 2.16 -15.48
N PHE B 290 -41.38 0.96 -15.24
CA PHE B 290 -41.26 -0.12 -16.25
C PHE B 290 -41.95 0.23 -17.58
N GLU B 291 -43.10 0.89 -17.51
CA GLU B 291 -43.76 1.43 -18.70
C GLU B 291 -42.86 2.48 -19.41
N GLU B 292 -42.47 3.53 -18.71
CA GLU B 292 -41.61 4.57 -19.25
C GLU B 292 -40.41 3.98 -19.88
N ALA B 293 -39.83 2.95 -19.26
CA ALA B 293 -38.67 2.28 -19.85
C ALA B 293 -39.06 1.52 -21.11
N GLU B 294 -40.03 0.61 -21.02
CA GLU B 294 -40.44 -0.15 -22.23
C GLU B 294 -40.64 0.80 -23.37
N LYS B 295 -41.20 1.95 -23.04
CA LYS B 295 -41.48 2.99 -24.00
C LYS B 295 -40.28 3.71 -24.62
N ASN B 296 -39.15 3.92 -23.92
CA ASN B 296 -38.00 4.71 -24.48
C ASN B 296 -36.77 3.91 -24.81
N ALA B 297 -37.05 2.72 -25.22
CA ALA B 297 -36.11 1.69 -25.12
C ALA B 297 -35.16 1.58 -26.27
N PRO B 298 -33.86 1.81 -26.01
CA PRO B 298 -33.16 0.78 -25.23
C PRO B 298 -33.08 1.42 -23.86
N ALA B 299 -33.41 0.67 -22.79
CA ALA B 299 -33.44 1.29 -21.45
C ALA B 299 -32.72 0.52 -20.33
N ILE B 300 -32.25 1.28 -19.35
CA ILE B 300 -31.80 0.64 -18.18
C ILE B 300 -32.61 1.11 -17.02
N ILE B 301 -33.31 0.16 -16.36
CA ILE B 301 -33.91 0.46 -15.07
C ILE B 301 -32.92 0.07 -14.04
N PHE B 302 -32.61 0.98 -13.14
CA PHE B 302 -31.78 0.60 -12.05
C PHE B 302 -32.56 0.59 -10.76
N ILE B 303 -32.52 -0.47 -9.94
CA ILE B 303 -33.17 -0.41 -8.59
C ILE B 303 -32.11 -0.36 -7.48
N ASP B 304 -31.99 0.77 -6.78
CA ASP B 304 -31.05 0.84 -5.67
C ASP B 304 -31.78 0.42 -4.43
N GLU B 305 -31.02 -0.17 -3.52
CA GLU B 305 -31.52 -0.69 -2.25
C GLU B 305 -32.65 -1.73 -2.45
N LEU B 306 -32.47 -2.68 -3.36
CA LEU B 306 -33.49 -3.71 -3.62
C LEU B 306 -34.03 -4.40 -2.33
N ASP B 307 -33.09 -4.69 -1.44
CA ASP B 307 -33.39 -5.21 -0.11
C ASP B 307 -34.50 -4.48 0.62
N ALA B 308 -34.68 -3.20 0.35
CA ALA B 308 -35.75 -2.43 0.98
C ALA B 308 -37.12 -2.51 0.32
N ILE B 309 -37.17 -3.00 -0.89
CA ILE B 309 -38.44 -3.25 -1.55
C ILE B 309 -38.86 -4.69 -1.40
N ALA B 310 -37.87 -5.55 -1.74
CA ALA B 310 -38.08 -6.98 -1.92
C ALA B 310 -37.26 -7.87 -0.95
N PRO B 311 -37.59 -7.72 0.34
CA PRO B 311 -36.98 -8.55 1.34
C PRO B 311 -37.58 -9.93 1.32
N LYS B 312 -36.87 -10.87 1.97
CA LYS B 312 -37.38 -12.21 2.20
C LYS B 312 -38.78 -12.14 2.78
N ARG B 313 -39.79 -12.54 1.98
CA ARG B 313 -41.22 -12.40 2.36
C ARG B 313 -41.51 -12.97 3.77
N GLU B 314 -40.77 -14.00 4.18
CA GLU B 314 -40.82 -14.51 5.57
C GLU B 314 -40.74 -13.40 6.64
N LYS B 315 -39.86 -12.44 6.45
CA LYS B 315 -39.57 -11.44 7.49
C LYS B 315 -40.62 -10.34 7.61
N THR B 316 -41.29 -10.00 6.53
CA THR B 316 -42.16 -8.82 6.48
C THR B 316 -43.60 -9.05 6.84
N HIS B 317 -43.95 -8.85 8.10
CA HIS B 317 -45.26 -9.20 8.60
C HIS B 317 -46.21 -8.08 8.20
N GLY B 318 -46.40 -7.90 6.89
CA GLY B 318 -47.23 -6.83 6.34
C GLY B 318 -47.92 -7.28 5.07
N GLU B 319 -49.14 -6.80 4.82
CA GLU B 319 -49.91 -7.18 3.62
C GLU B 319 -49.32 -6.55 2.38
N VAL B 320 -49.19 -5.24 2.43
CA VAL B 320 -48.84 -4.46 1.24
C VAL B 320 -47.44 -4.79 0.77
N GLU B 321 -46.52 -4.87 1.71
CA GLU B 321 -45.14 -5.17 1.38
C GLU B 321 -45.04 -6.35 0.44
N ARG B 322 -45.82 -7.41 0.71
CA ARG B 322 -45.85 -8.59 -0.14
C ARG B 322 -46.46 -8.31 -1.52
N ARG B 323 -47.52 -7.51 -1.54
CA ARG B 323 -48.11 -7.05 -2.79
C ARG B 323 -47.11 -6.31 -3.66
N ILE B 324 -46.32 -5.45 -3.07
CA ILE B 324 -45.26 -4.84 -3.86
C ILE B 324 -44.31 -5.85 -4.52
N VAL B 325 -43.87 -6.85 -3.77
CA VAL B 325 -42.88 -7.76 -4.32
C VAL B 325 -43.48 -8.45 -5.52
N SER B 326 -44.66 -9.02 -5.34
CA SER B 326 -45.45 -9.50 -6.47
C SER B 326 -45.51 -8.54 -7.63
N GLN B 327 -45.93 -7.30 -7.35
CA GLN B 327 -45.92 -6.31 -8.41
C GLN B 327 -44.58 -6.32 -9.16
N LEU B 328 -43.48 -6.31 -8.41
CA LEU B 328 -42.13 -6.29 -9.00
C LEU B 328 -41.85 -7.57 -9.82
N LEU B 329 -41.85 -8.72 -9.17
CA LEU B 329 -41.80 -9.97 -9.89
C LEU B 329 -42.57 -9.91 -11.21
N THR B 330 -43.83 -9.47 -11.16
CA THR B 330 -44.66 -9.49 -12.38
C THR B 330 -44.25 -8.51 -13.47
N LEU B 331 -43.60 -7.41 -13.08
CA LEU B 331 -43.01 -6.52 -14.09
C LEU B 331 -41.76 -7.15 -14.63
N MET B 332 -40.84 -7.63 -13.75
CA MET B 332 -39.61 -8.35 -14.20
C MET B 332 -39.97 -9.42 -15.22
N ASP B 333 -40.86 -10.33 -14.82
CA ASP B 333 -41.34 -11.39 -15.69
C ASP B 333 -42.00 -10.79 -16.92
N GLY B 334 -42.94 -9.86 -16.72
CA GLY B 334 -43.67 -9.22 -17.82
C GLY B 334 -42.87 -8.31 -18.74
N LEU B 335 -41.68 -8.76 -19.13
CA LEU B 335 -40.85 -8.06 -20.08
C LEU B 335 -40.63 -9.00 -21.27
N LYS B 336 -41.08 -8.58 -22.45
CA LYS B 336 -40.78 -9.34 -23.65
C LYS B 336 -39.33 -9.14 -23.94
N GLN B 337 -38.65 -10.17 -24.47
CA GLN B 337 -37.19 -10.11 -24.73
C GLN B 337 -36.85 -8.92 -25.62
N ARG B 338 -37.76 -8.69 -26.56
CA ARG B 338 -37.68 -7.57 -27.49
C ARG B 338 -37.99 -6.21 -26.92
N ALA B 339 -38.36 -6.14 -25.65
CA ALA B 339 -38.51 -4.88 -24.94
C ALA B 339 -37.25 -4.00 -25.05
N HIS B 340 -36.06 -4.61 -24.99
CA HIS B 340 -34.75 -3.90 -24.93
C HIS B 340 -34.57 -3.09 -23.63
N VAL B 341 -34.87 -3.74 -22.52
CA VAL B 341 -34.66 -3.12 -21.23
C VAL B 341 -33.82 -4.04 -20.39
N ILE B 342 -32.85 -3.45 -19.72
CA ILE B 342 -32.12 -4.17 -18.70
C ILE B 342 -32.49 -3.67 -17.34
N VAL B 343 -32.68 -4.58 -16.38
CA VAL B 343 -32.81 -4.13 -15.00
C VAL B 343 -31.56 -4.42 -14.23
N MET B 344 -30.88 -3.36 -13.86
CA MET B 344 -29.88 -3.48 -12.86
C MET B 344 -30.56 -3.28 -11.54
N ALA B 345 -29.97 -3.85 -10.52
CA ALA B 345 -30.34 -3.45 -9.17
C ALA B 345 -29.12 -3.58 -8.30
N ALA B 346 -29.25 -3.14 -7.04
CA ALA B 346 -28.10 -3.21 -6.15
C ALA B 346 -28.50 -3.32 -4.75
N THR B 347 -27.67 -4.05 -3.97
CA THR B 347 -27.90 -4.25 -2.53
C THR B 347 -26.69 -4.62 -1.74
N ASN B 348 -26.70 -4.26 -0.46
CA ASN B 348 -25.65 -4.72 0.42
C ASN B 348 -26.00 -5.99 1.14
N ARG B 349 -27.28 -6.32 1.26
CA ARG B 349 -27.71 -7.54 2.00
C ARG B 349 -28.23 -8.64 1.07
N PRO B 350 -27.35 -9.22 0.23
CA PRO B 350 -27.85 -10.07 -0.86
C PRO B 350 -28.81 -11.12 -0.32
N ASN B 351 -28.33 -11.86 0.65
CA ASN B 351 -29.07 -12.98 1.14
C ASN B 351 -30.41 -12.62 1.75
N SER B 352 -30.68 -11.33 1.94
CA SER B 352 -31.96 -10.91 2.49
C SER B 352 -33.00 -10.58 1.46
N ILE B 353 -32.60 -10.61 0.20
CA ILE B 353 -33.55 -10.40 -0.87
C ILE B 353 -34.38 -11.63 -1.10
N ASP B 354 -35.68 -11.44 -1.30
CA ASP B 354 -36.55 -12.61 -1.52
C ASP B 354 -35.96 -13.49 -2.58
N PRO B 355 -35.72 -14.78 -2.31
CA PRO B 355 -35.12 -15.71 -3.32
C PRO B 355 -35.83 -15.82 -4.68
N ALA B 356 -37.12 -15.52 -4.70
CA ALA B 356 -37.88 -15.39 -5.96
C ALA B 356 -37.28 -14.48 -7.00
N LEU B 357 -36.49 -13.52 -6.54
CA LEU B 357 -35.92 -12.57 -7.42
C LEU B 357 -34.71 -13.08 -8.06
N ARG B 358 -33.97 -14.01 -7.47
CA ARG B 358 -32.80 -14.46 -8.21
C ARG B 358 -33.04 -15.68 -9.07
N ARG B 359 -34.28 -15.93 -9.46
CA ARG B 359 -34.60 -17.04 -10.36
C ARG B 359 -34.16 -16.77 -11.79
N PHE B 360 -34.43 -17.73 -12.67
CA PHE B 360 -34.27 -17.48 -14.08
C PHE B 360 -35.31 -16.49 -14.51
N GLY B 361 -34.95 -15.75 -15.55
CA GLY B 361 -35.75 -14.64 -16.04
C GLY B 361 -35.68 -13.35 -15.24
N ARG B 362 -35.16 -13.41 -14.01
CA ARG B 362 -35.26 -12.30 -13.06
C ARG B 362 -33.87 -11.82 -12.80
N PHE B 363 -33.39 -11.67 -11.57
CA PHE B 363 -31.95 -11.34 -11.36
C PHE B 363 -30.94 -12.53 -11.47
N ASP B 364 -30.75 -12.89 -12.74
CA ASP B 364 -29.90 -13.99 -13.17
C ASP B 364 -28.46 -13.84 -12.85
N ARG B 365 -27.93 -12.65 -12.96
CA ARG B 365 -26.51 -12.47 -12.79
C ARG B 365 -26.21 -11.50 -11.65
N GLU B 366 -25.08 -11.74 -11.02
CA GLU B 366 -24.73 -11.12 -9.76
C GLU B 366 -23.32 -10.61 -9.89
N VAL B 367 -23.04 -9.44 -9.34
CA VAL B 367 -21.75 -8.86 -9.48
C VAL B 367 -21.29 -8.40 -8.13
N ASP B 368 -20.12 -8.91 -7.74
CA ASP B 368 -19.59 -8.64 -6.44
C ASP B 368 -18.81 -7.36 -6.55
N ILE B 369 -19.32 -6.30 -5.98
CA ILE B 369 -18.61 -5.09 -5.81
C ILE B 369 -18.00 -5.20 -4.44
N GLY B 370 -16.88 -5.89 -4.36
CA GLY B 370 -16.33 -6.32 -3.07
C GLY B 370 -15.45 -5.29 -2.37
N ILE B 371 -14.75 -5.76 -1.36
CA ILE B 371 -13.73 -5.01 -0.67
C ILE B 371 -12.51 -4.88 -1.59
N PRO B 372 -11.84 -3.73 -1.61
CA PRO B 372 -10.78 -3.59 -2.59
C PRO B 372 -9.39 -3.94 -2.02
N ASP B 373 -8.51 -4.39 -2.91
CA ASP B 373 -7.09 -4.56 -2.60
C ASP B 373 -6.38 -3.23 -2.54
N ALA B 374 -5.17 -3.30 -2.03
CA ALA B 374 -4.41 -2.09 -1.79
C ALA B 374 -4.23 -1.26 -3.07
N THR B 375 -4.07 -1.95 -4.20
CA THR B 375 -4.09 -1.28 -5.49
C THR B 375 -5.34 -0.43 -5.64
N GLY B 376 -6.52 -1.06 -5.53
CA GLY B 376 -7.80 -0.33 -5.57
C GLY B 376 -7.86 0.84 -4.55
N ARG B 377 -7.58 0.53 -3.30
CA ARG B 377 -7.49 1.56 -2.29
C ARG B 377 -6.66 2.74 -2.70
N LEU B 378 -5.56 2.45 -3.38
CA LEU B 378 -4.81 3.56 -3.92
C LEU B 378 -5.63 4.36 -4.94
N GLU B 379 -6.14 3.72 -6.00
CA GLU B 379 -6.92 4.44 -7.04
C GLU B 379 -7.94 5.34 -6.35
N ILE B 380 -8.70 4.71 -5.46
CA ILE B 380 -9.70 5.40 -4.63
C ILE B 380 -9.12 6.62 -3.91
N LEU B 381 -8.07 6.42 -3.12
CA LEU B 381 -7.45 7.59 -2.47
C LEU B 381 -7.03 8.67 -3.43
N GLN B 382 -6.54 8.25 -4.59
CA GLN B 382 -6.08 9.13 -5.66
C GLN B 382 -7.18 9.98 -6.26
N ILE B 383 -8.30 9.32 -6.57
CA ILE B 383 -9.55 9.98 -6.92
C ILE B 383 -9.98 10.94 -5.83
N HIS B 384 -10.03 10.47 -4.60
CA HIS B 384 -10.43 11.39 -3.50
C HIS B 384 -9.52 12.54 -3.14
N THR B 385 -8.35 12.63 -3.71
CA THR B 385 -7.51 13.72 -3.36
C THR B 385 -7.17 14.58 -4.54
N LYS B 386 -7.72 14.28 -5.72
CA LYS B 386 -7.34 14.99 -6.95
C LYS B 386 -7.70 16.48 -6.88
N ASN B 387 -8.73 16.82 -6.12
CA ASN B 387 -9.08 18.21 -5.89
C ASN B 387 -8.52 18.72 -4.57
N MET B 388 -7.46 18.13 -4.05
CA MET B 388 -7.08 18.37 -2.66
C MET B 388 -5.67 18.88 -2.62
N LYS B 389 -5.41 19.76 -1.67
CA LYS B 389 -4.13 20.45 -1.61
C LYS B 389 -3.09 19.67 -0.82
N LEU B 390 -2.46 18.69 -1.48
CA LEU B 390 -1.57 17.70 -0.84
C LEU B 390 -0.14 18.14 -0.78
N ALA B 391 0.48 18.03 0.38
CA ALA B 391 1.89 18.35 0.52
C ALA B 391 2.85 17.40 -0.24
N ASP B 392 4.12 17.76 -0.28
CA ASP B 392 5.15 16.90 -0.81
C ASP B 392 5.24 15.62 0.03
N ASP B 393 5.27 15.74 1.36
CA ASP B 393 5.52 14.56 2.22
C ASP B 393 4.39 13.51 2.28
N VAL B 394 3.32 13.70 1.50
CA VAL B 394 2.18 12.78 1.47
C VAL B 394 2.41 11.56 0.56
N ASP B 395 2.33 10.37 1.16
CA ASP B 395 2.64 9.12 0.49
C ASP B 395 1.39 8.28 0.34
N LEU B 396 0.62 8.53 -0.71
CA LEU B 396 -0.67 7.86 -0.84
C LEU B 396 -0.56 6.34 -0.77
N GLU B 397 0.39 5.80 -1.53
CA GLU B 397 0.74 4.38 -1.49
C GLU B 397 0.89 3.86 -0.09
N GLN B 398 1.56 4.63 0.75
CA GLN B 398 1.71 4.21 2.14
C GLN B 398 0.32 4.06 2.75
N VAL B 399 -0.49 5.10 2.61
CA VAL B 399 -1.80 5.17 3.26
C VAL B 399 -2.63 4.01 2.83
N ALA B 400 -2.58 3.73 1.54
CA ALA B 400 -3.23 2.54 1.00
C ALA B 400 -2.86 1.25 1.74
N ASN B 401 -1.58 1.09 2.00
CA ASN B 401 -1.11 -0.06 2.75
C ASN B 401 -1.51 -0.02 4.19
N GLU B 402 -1.43 1.15 4.82
CA GLU B 402 -1.81 1.27 6.23
C GLU B 402 -3.33 1.03 6.45
N THR B 403 -4.13 0.93 5.39
CA THR B 403 -5.60 0.84 5.49
C THR B 403 -6.21 -0.46 5.07
N HIS B 404 -5.84 -1.57 5.70
CA HIS B 404 -6.46 -2.83 5.29
C HIS B 404 -7.98 -2.82 5.53
N GLY B 405 -8.69 -3.59 4.69
CA GLY B 405 -10.12 -3.84 4.87
C GLY B 405 -10.98 -2.60 4.74
N HIS B 406 -10.38 -1.54 4.23
CA HIS B 406 -11.06 -0.27 4.12
C HIS B 406 -11.77 -0.32 2.80
N VAL B 407 -12.93 0.34 2.77
CA VAL B 407 -13.71 0.45 1.56
C VAL B 407 -13.68 1.84 1.08
N GLY B 408 -14.20 2.01 -0.16
CA GLY B 408 -14.35 3.35 -0.78
C GLY B 408 -14.73 4.45 0.22
N ALA B 409 -15.96 4.34 0.70
CA ALA B 409 -16.48 5.26 1.71
C ALA B 409 -15.48 5.64 2.80
N ASP B 410 -14.88 4.59 3.36
CA ASP B 410 -13.97 4.71 4.52
C ASP B 410 -12.80 5.65 4.13
N LEU B 411 -12.28 5.35 2.93
CA LEU B 411 -11.09 6.03 2.42
C LEU B 411 -11.41 7.44 2.07
N ALA B 412 -12.61 7.64 1.56
CA ALA B 412 -13.05 8.99 1.33
C ALA B 412 -13.03 9.75 2.65
N ALA B 413 -13.75 9.19 3.62
CA ALA B 413 -13.90 9.93 4.87
C ALA B 413 -12.61 10.11 5.70
N LEU B 414 -11.68 9.20 5.49
CA LEU B 414 -10.30 9.42 5.84
C LEU B 414 -9.70 10.73 5.23
N CYS B 415 -9.75 10.84 3.90
CA CYS B 415 -9.33 12.05 3.23
C CYS B 415 -10.09 13.28 3.71
N SER B 416 -11.39 13.16 4.03
CA SER B 416 -12.10 14.29 4.72
C SER B 416 -11.38 14.62 6.02
N GLU B 417 -11.29 13.63 6.90
CA GLU B 417 -10.76 13.86 8.26
C GLU B 417 -9.32 14.40 8.32
N ALA B 418 -8.48 13.90 7.39
CA ALA B 418 -7.17 14.51 7.08
C ALA B 418 -7.32 16.01 6.88
N ALA B 419 -8.13 16.39 5.91
CA ALA B 419 -8.29 17.81 5.58
C ALA B 419 -8.88 18.62 6.75
N LEU B 420 -9.81 18.01 7.49
CA LEU B 420 -10.40 18.64 8.69
C LEU B 420 -9.41 18.74 9.83
N GLN B 421 -8.37 17.91 9.83
CA GLN B 421 -7.25 18.15 10.72
C GLN B 421 -6.43 19.27 10.22
N ALA B 422 -6.06 19.18 8.95
CA ALA B 422 -5.24 20.23 8.34
C ALA B 422 -5.85 21.62 8.64
N ILE B 423 -7.16 21.72 8.48
CA ILE B 423 -7.93 22.93 8.77
C ILE B 423 -7.87 23.28 10.24
N ARG B 424 -7.95 22.27 11.07
CA ARG B 424 -7.87 22.45 12.53
C ARG B 424 -6.48 22.98 12.97
N LYS B 425 -5.40 22.54 12.30
CA LYS B 425 -4.02 23.07 12.56
C LYS B 425 -3.82 24.57 12.27
N LYS B 426 -4.76 25.20 11.56
CA LYS B 426 -4.72 26.63 11.23
C LYS B 426 -5.72 27.48 12.00
N MET B 427 -6.52 26.90 12.88
CA MET B 427 -7.58 27.65 13.58
C MET B 427 -7.10 28.84 14.42
N ASP B 428 -5.79 28.89 14.69
CA ASP B 428 -5.13 30.09 15.27
C ASP B 428 -5.18 31.27 14.29
N LEU B 429 -4.81 31.00 13.04
CA LEU B 429 -4.89 32.01 11.95
C LEU B 429 -6.29 32.45 11.47
N ILE B 430 -7.33 31.78 11.94
CA ILE B 430 -8.68 31.94 11.41
C ILE B 430 -9.55 32.44 12.56
N ASP B 431 -10.74 32.91 12.20
CA ASP B 431 -11.83 33.16 13.13
C ASP B 431 -13.10 32.44 12.64
N LEU B 432 -13.78 31.76 13.58
CA LEU B 432 -15.16 31.27 13.35
C LEU B 432 -16.15 32.44 13.20
N GLU B 433 -15.87 33.61 13.81
CA GLU B 433 -16.77 34.77 13.77
C GLU B 433 -16.55 35.75 12.62
N ASP B 434 -15.50 35.57 11.82
CA ASP B 434 -15.30 36.34 10.58
C ASP B 434 -16.38 35.94 9.59
N GLU B 435 -16.61 36.75 8.56
CA GLU B 435 -17.73 36.47 7.65
C GLU B 435 -17.33 35.42 6.61
N THR B 436 -16.22 35.71 5.93
CA THR B 436 -15.43 34.68 5.23
C THR B 436 -13.95 34.95 5.57
N ILE B 437 -13.07 34.10 5.04
CA ILE B 437 -11.76 33.85 5.63
C ILE B 437 -10.62 34.36 4.74
N ASP B 438 -9.56 34.86 5.39
CA ASP B 438 -8.30 35.35 4.75
C ASP B 438 -7.90 34.46 3.55
N ALA B 439 -7.94 35.00 2.32
CA ALA B 439 -7.59 34.23 1.10
C ALA B 439 -6.15 33.67 1.13
N GLU B 440 -5.15 34.51 1.40
CA GLU B 440 -3.75 34.08 1.61
C GLU B 440 -3.63 32.76 2.41
N VAL B 441 -4.22 32.75 3.61
CA VAL B 441 -4.23 31.57 4.49
C VAL B 441 -4.94 30.38 3.84
N MET B 442 -6.02 30.61 3.07
CA MET B 442 -6.69 29.52 2.31
C MET B 442 -5.79 28.95 1.19
N ASN B 443 -5.36 29.82 0.26
CA ASN B 443 -4.34 29.50 -0.77
C ASN B 443 -3.13 28.76 -0.23
N SER B 444 -2.69 29.16 0.96
CA SER B 444 -1.60 28.49 1.67
C SER B 444 -1.87 27.06 2.17
N LEU B 445 -3.13 26.66 2.29
CA LEU B 445 -3.51 25.46 3.09
C LEU B 445 -3.18 24.14 2.40
N ALA B 446 -2.42 23.30 3.10
CA ALA B 446 -2.08 21.98 2.61
C ALA B 446 -2.23 20.86 3.64
N VAL B 447 -2.46 19.67 3.10
CA VAL B 447 -2.67 18.45 3.82
C VAL B 447 -1.29 17.80 3.92
N THR B 448 -0.84 17.57 5.15
CA THR B 448 0.42 16.87 5.45
C THR B 448 0.16 15.37 5.57
N MET B 449 1.24 14.62 5.70
CA MET B 449 1.16 13.22 6.01
C MET B 449 0.58 12.98 7.42
N ASP B 450 1.04 13.76 8.40
CA ASP B 450 0.54 13.63 9.78
C ASP B 450 -0.92 13.87 9.94
N ASP B 451 -1.48 14.68 9.05
CA ASP B 451 -2.93 14.83 8.94
C ASP B 451 -3.55 13.44 8.63
N PHE B 452 -2.99 12.78 7.62
CA PHE B 452 -3.33 11.40 7.37
C PHE B 452 -3.04 10.43 8.54
N ARG B 453 -1.94 10.55 9.25
CA ARG B 453 -1.74 9.66 10.40
C ARG B 453 -2.79 9.88 11.46
N TRP B 454 -3.03 11.16 11.77
CA TRP B 454 -4.08 11.54 12.74
C TRP B 454 -5.40 10.99 12.34
N ALA B 455 -5.73 11.11 11.05
CA ALA B 455 -6.92 10.45 10.52
C ALA B 455 -6.89 8.93 10.73
N LEU B 456 -5.83 8.27 10.31
CA LEU B 456 -5.72 6.81 10.45
C LEU B 456 -5.88 6.31 11.86
N SER B 457 -5.30 7.04 12.79
CA SER B 457 -5.49 6.73 14.21
C SER B 457 -6.90 7.00 14.78
N GLN B 458 -7.79 7.70 14.06
CA GLN B 458 -9.21 7.86 14.52
C GLN B 458 -10.14 6.77 13.98
N SER B 459 -9.99 6.48 12.69
CA SER B 459 -10.72 5.39 12.03
C SER B 459 -10.06 4.00 12.19
N ASN B 460 -8.88 3.91 12.85
CA ASN B 460 -8.30 2.62 13.36
C ASN B 460 -7.89 1.66 12.24
N ASP C 32 66.07 -3.77 30.57
CA ASP C 32 65.51 -4.42 29.34
C ASP C 32 63.98 -4.67 29.37
N VAL C 33 63.51 -5.61 30.22
CA VAL C 33 62.26 -6.39 29.96
C VAL C 33 60.87 -5.72 30.15
N VAL C 34 60.58 -5.17 31.35
CA VAL C 34 59.25 -4.57 31.64
C VAL C 34 58.94 -3.38 30.68
N VAL C 35 60.00 -2.69 30.22
CA VAL C 35 59.95 -1.68 29.11
C VAL C 35 59.90 -2.37 27.71
N LYS C 36 60.74 -3.40 27.54
CA LYS C 36 60.80 -4.26 26.34
C LYS C 36 59.43 -4.71 25.87
N ARG C 37 58.65 -5.27 26.79
CA ARG C 37 57.31 -5.74 26.45
C ARG C 37 56.49 -4.59 25.84
N GLN C 38 56.42 -3.45 26.56
CA GLN C 38 55.62 -2.27 26.11
C GLN C 38 56.07 -1.67 24.79
N GLU C 39 57.38 -1.47 24.64
CA GLU C 39 57.85 -0.95 23.35
C GLU C 39 57.68 -1.97 22.20
N ALA C 40 58.07 -3.23 22.43
CA ALA C 40 57.86 -4.31 21.42
C ALA C 40 56.38 -4.40 21.02
N LEU C 41 55.48 -4.23 21.99
CA LEU C 41 54.01 -4.15 21.74
C LEU C 41 53.57 -2.90 20.95
N ALA C 42 53.87 -1.70 21.47
CA ALA C 42 53.50 -0.47 20.75
C ALA C 42 54.01 -0.51 19.30
N ALA C 43 55.28 -0.89 19.18
CA ALA C 43 55.91 -1.09 17.88
C ALA C 43 55.25 -2.22 17.09
N ALA C 44 54.73 -3.25 17.78
CA ALA C 44 53.89 -4.24 17.09
C ALA C 44 52.53 -3.68 16.54
N ARG C 45 51.83 -2.86 17.32
CA ARG C 45 50.58 -2.23 16.85
C ARG C 45 50.82 -1.23 15.70
N LEU C 46 51.79 -0.34 15.94
CA LEU C 46 52.11 0.68 14.95
C LEU C 46 52.46 0.04 13.58
N LYS C 47 52.82 -1.25 13.59
CA LYS C 47 53.07 -2.01 12.36
C LYS C 47 51.82 -2.59 11.71
N MET C 48 50.83 -2.95 12.52
CA MET C 48 49.50 -3.25 11.97
C MET C 48 48.96 -1.96 11.31
N GLN C 49 49.01 -0.86 12.08
CA GLN C 49 48.53 0.47 11.61
C GLN C 49 49.00 0.87 10.17
N GLU C 50 50.29 0.63 9.93
CA GLU C 50 50.90 0.80 8.62
C GLU C 50 50.25 -0.10 7.55
N GLU C 51 50.08 -1.39 7.86
CA GLU C 51 49.52 -2.38 6.90
C GLU C 51 48.00 -2.21 6.69
N LEU C 52 47.35 -1.50 7.62
CA LEU C 52 45.98 -0.95 7.37
C LEU C 52 46.01 0.31 6.49
N ASN C 53 46.73 1.34 6.94
CA ASN C 53 46.84 2.57 6.16
C ASN C 53 47.20 2.27 4.73
N ALA C 54 48.08 1.29 4.55
CA ALA C 54 48.46 0.74 3.23
C ALA C 54 47.27 0.36 2.32
N GLN C 55 46.35 -0.39 2.91
CA GLN C 55 45.09 -0.73 2.26
C GLN C 55 44.26 0.55 2.03
N VAL C 56 44.10 1.35 3.11
CA VAL C 56 43.10 2.47 3.09
C VAL C 56 43.22 3.26 1.79
N GLU C 57 44.45 3.71 1.48
CA GLU C 57 44.72 4.55 0.29
C GLU C 57 44.50 3.78 -1.03
N LYS C 58 44.93 2.52 -1.04
CA LYS C 58 44.68 1.66 -2.20
C LYS C 58 43.18 1.64 -2.51
N HIS C 59 42.38 1.47 -1.46
CA HIS C 59 40.90 1.54 -1.60
C HIS C 59 40.39 2.98 -2.00
N LYS C 60 40.81 4.02 -1.26
CA LYS C 60 40.43 5.42 -1.59
C LYS C 60 40.66 5.70 -3.04
N GLU C 61 41.77 5.21 -3.58
CA GLU C 61 42.09 5.45 -4.98
C GLU C 61 41.25 4.62 -5.95
N LYS C 62 40.85 3.43 -5.52
CA LYS C 62 39.87 2.63 -6.27
C LYS C 62 38.42 3.20 -6.22
N LEU C 63 38.06 3.95 -5.15
CA LEU C 63 36.77 4.76 -5.08
C LEU C 63 36.66 5.88 -6.15
N LYS C 64 37.72 6.69 -6.14
CA LYS C 64 37.91 7.77 -7.11
C LYS C 64 38.16 7.21 -8.53
N GLN C 65 38.85 6.07 -8.65
CA GLN C 65 38.87 5.33 -9.94
C GLN C 65 37.52 4.76 -10.38
N LEU C 66 36.72 4.30 -9.42
CA LEU C 66 35.33 3.87 -9.69
C LEU C 66 34.47 5.04 -10.19
N GLU C 67 34.38 6.12 -9.40
CA GLU C 67 33.35 7.16 -9.68
C GLU C 67 33.44 8.00 -10.97
N GLU C 68 34.52 7.83 -11.71
CA GLU C 68 34.55 8.25 -13.09
C GLU C 68 34.27 7.02 -13.99
N GLU C 69 34.97 5.91 -13.72
CA GLU C 69 34.85 4.68 -14.53
C GLU C 69 33.56 3.94 -14.23
N HIS D 2 -75.83 26.98 -50.82
CA HIS D 2 -75.84 27.18 -49.31
C HIS D 2 -74.88 26.19 -48.64
N HIS D 3 -75.42 25.20 -47.93
CA HIS D 3 -74.69 24.32 -47.02
C HIS D 3 -74.21 23.14 -47.92
N HIS D 4 -74.94 22.86 -49.02
CA HIS D 4 -74.43 21.93 -50.07
C HIS D 4 -73.25 22.50 -50.91
N HIS D 5 -73.01 23.82 -50.86
CA HIS D 5 -71.79 24.46 -51.40
C HIS D 5 -70.72 24.84 -50.33
N HIS D 6 -71.14 25.14 -49.08
CA HIS D 6 -70.26 25.74 -48.00
C HIS D 6 -68.97 24.90 -47.69
N HIS D 7 -69.09 23.57 -47.70
CA HIS D 7 -67.90 22.72 -47.60
C HIS D 7 -67.04 22.71 -48.89
N GLN D 8 -67.64 22.86 -50.08
CA GLN D 8 -66.87 23.07 -51.34
C GLN D 8 -66.12 24.40 -51.32
N LYS D 9 -66.80 25.44 -50.83
CA LYS D 9 -66.22 26.81 -50.66
C LYS D 9 -65.09 26.80 -49.64
N LEU D 10 -65.28 26.11 -48.51
CA LEU D 10 -64.24 26.11 -47.43
C LEU D 10 -62.90 25.48 -47.89
N SER D 11 -62.98 24.31 -48.52
CA SER D 11 -61.78 23.62 -49.06
C SER D 11 -60.99 24.56 -49.95
N ALA D 12 -61.64 25.08 -51.02
CA ALA D 12 -60.99 26.02 -51.97
C ALA D 12 -60.04 27.03 -51.26
N ARG D 13 -60.59 27.86 -50.36
CA ARG D 13 -59.77 28.88 -49.69
C ARG D 13 -58.81 28.32 -48.58
N LEU D 14 -58.89 27.02 -48.22
CA LEU D 14 -57.75 26.33 -47.55
C LEU D 14 -56.52 26.26 -48.51
N ARG D 15 -56.77 26.00 -49.81
CA ARG D 15 -55.69 25.91 -50.82
C ARG D 15 -55.24 27.28 -51.36
N ALA D 16 -55.95 28.36 -51.03
CA ALA D 16 -55.54 29.73 -51.34
C ALA D 16 -54.50 30.28 -50.33
N LEU D 17 -54.63 29.97 -49.03
CA LEU D 17 -53.59 30.33 -47.99
C LEU D 17 -52.33 29.47 -48.13
N ARG D 18 -52.51 28.18 -48.49
CA ARG D 18 -51.41 27.26 -48.78
C ARG D 18 -50.52 27.75 -49.93
N GLN D 19 -51.13 28.03 -51.09
CA GLN D 19 -50.43 28.66 -52.23
C GLN D 19 -50.02 30.13 -51.99
N ARG D 20 -50.83 30.95 -51.27
CA ARG D 20 -50.39 32.32 -50.85
C ARG D 20 -49.09 32.30 -50.00
N GLN D 21 -49.15 31.63 -48.85
CA GLN D 21 -47.98 31.49 -47.95
C GLN D 21 -46.80 30.69 -48.55
N LEU D 22 -47.08 29.50 -49.14
CA LEU D 22 -46.04 28.73 -49.86
C LEU D 22 -45.86 29.19 -51.36
N ASP D 23 -46.25 30.45 -51.67
CA ASP D 23 -45.63 31.29 -52.75
C ASP D 23 -44.81 32.45 -52.12
N ARG D 24 -45.49 33.41 -51.47
CA ARG D 24 -44.90 34.74 -51.06
C ARG D 24 -43.58 35.19 -51.76
N GLU D 30 -32.56 33.99 -53.54
CA GLU D 30 -31.61 32.95 -53.16
C GLU D 30 -30.24 33.05 -53.86
N PRO D 31 -30.21 32.93 -55.22
CA PRO D 31 -28.92 32.80 -55.95
C PRO D 31 -27.88 33.93 -55.73
N ASP D 32 -28.36 35.14 -55.41
CA ASP D 32 -27.51 36.31 -55.07
C ASP D 32 -27.06 36.39 -53.59
N VAL D 33 -27.48 35.47 -52.72
CA VAL D 33 -26.86 35.35 -51.37
C VAL D 33 -26.21 33.95 -51.12
N VAL D 34 -26.84 32.89 -51.71
CA VAL D 34 -26.29 31.47 -51.78
C VAL D 34 -24.77 31.41 -52.01
N VAL D 35 -24.24 32.33 -52.83
CA VAL D 35 -22.78 32.40 -53.07
C VAL D 35 -22.09 33.24 -51.94
N LYS D 36 -22.67 34.42 -51.63
CA LYS D 36 -22.18 35.37 -50.60
C LYS D 36 -21.87 34.70 -49.29
N ARG D 37 -22.84 33.92 -48.81
CA ARG D 37 -22.65 33.20 -47.54
C ARG D 37 -21.40 32.28 -47.60
N GLN D 38 -21.32 31.44 -48.65
CA GLN D 38 -20.21 30.48 -48.82
C GLN D 38 -18.83 31.12 -48.99
N GLU D 39 -18.77 32.15 -49.85
CA GLU D 39 -17.48 32.86 -49.99
C GLU D 39 -17.10 33.66 -48.72
N ALA D 40 -18.06 34.42 -48.14
CA ALA D 40 -17.84 35.13 -46.85
C ALA D 40 -17.40 34.17 -45.72
N LEU D 41 -17.97 32.95 -45.71
CA LEU D 41 -17.53 31.86 -44.79
C LEU D 41 -16.12 31.29 -45.11
N ALA D 42 -15.90 30.80 -46.35
CA ALA D 42 -14.56 30.27 -46.72
C ALA D 42 -13.46 31.29 -46.44
N ALA D 43 -13.72 32.53 -46.86
CA ALA D 43 -12.86 33.68 -46.55
C ALA D 43 -12.76 34.00 -45.04
N ALA D 44 -13.83 33.75 -44.27
CA ALA D 44 -13.77 33.83 -42.80
C ALA D 44 -12.86 32.75 -42.17
N ARG D 45 -12.91 31.51 -42.66
CA ARG D 45 -12.03 30.39 -42.19
C ARG D 45 -10.55 30.59 -42.57
N LEU D 46 -10.36 30.86 -43.88
CA LEU D 46 -9.03 31.09 -44.39
C LEU D 46 -8.33 32.26 -43.63
N LYS D 47 -9.09 33.12 -42.94
CA LYS D 47 -8.56 34.17 -42.02
C LYS D 47 -8.18 33.69 -40.61
N MET D 48 -8.91 32.70 -40.10
CA MET D 48 -8.49 31.99 -38.88
C MET D 48 -7.16 31.26 -39.19
N GLN D 49 -7.16 30.52 -40.31
CA GLN D 49 -5.96 29.75 -40.78
C GLN D 49 -4.65 30.57 -40.72
N GLU D 50 -4.75 31.79 -41.21
CA GLU D 50 -3.67 32.76 -41.15
C GLU D 50 -3.24 33.04 -39.71
N GLU D 51 -4.19 33.38 -38.86
CA GLU D 51 -3.89 33.74 -37.47
C GLU D 51 -3.41 32.56 -36.62
N LEU D 52 -3.69 31.34 -37.10
CA LEU D 52 -3.02 30.11 -36.59
C LEU D 52 -1.59 29.95 -37.12
N ASN D 53 -1.46 29.89 -38.45
CA ASN D 53 -0.14 29.75 -39.05
C ASN D 53 0.81 30.78 -38.47
N ALA D 54 0.30 31.97 -38.24
CA ALA D 54 1.01 33.07 -37.58
C ALA D 54 1.64 32.69 -36.24
N GLN D 55 0.86 32.03 -35.41
CA GLN D 55 1.36 31.47 -34.18
C GLN D 55 2.38 30.35 -34.48
N VAL D 56 1.98 29.43 -35.39
CA VAL D 56 2.76 28.16 -35.55
C VAL D 56 4.25 28.45 -35.67
N GLU D 57 4.62 29.33 -36.59
CA GLU D 57 6.02 29.62 -36.85
C GLU D 57 6.67 30.30 -35.63
N LYS D 58 5.92 31.22 -35.00
CA LYS D 58 6.40 31.89 -33.78
C LYS D 58 6.76 30.87 -32.71
N HIS D 59 5.94 29.83 -32.60
CA HIS D 59 6.29 28.69 -31.71
C HIS D 59 7.51 27.85 -32.26
N LYS D 60 7.46 27.43 -33.54
CA LYS D 60 8.57 26.66 -34.18
C LYS D 60 9.91 27.27 -33.93
N GLU D 61 9.93 28.59 -34.04
CA GLU D 61 11.17 29.31 -33.81
C GLU D 61 11.57 29.42 -32.32
N LYS D 62 10.60 29.46 -31.41
CA LYS D 62 10.86 29.36 -29.96
C LYS D 62 11.28 27.94 -29.51
N LEU D 63 10.89 26.90 -30.26
CA LEU D 63 11.46 25.50 -30.10
C LEU D 63 12.97 25.41 -30.41
N LYS D 64 13.30 25.87 -31.61
CA LYS D 64 14.69 25.94 -32.09
C LYS D 64 15.50 26.94 -31.26
N GLN D 65 14.87 28.03 -30.81
CA GLN D 65 15.48 28.92 -29.80
C GLN D 65 15.67 28.25 -28.45
N LEU D 66 14.71 27.44 -28.03
CA LEU D 66 14.83 26.66 -26.80
C LEU D 66 16.01 25.69 -26.89
N GLU D 67 16.04 24.84 -27.92
CA GLU D 67 17.01 23.71 -27.93
C GLU D 67 18.52 24.05 -28.12
N GLU D 68 18.85 25.32 -28.46
CA GLU D 68 20.23 25.88 -28.45
C GLU D 68 20.43 26.85 -27.29
PG ANP E . 1.70 -21.95 20.73
O1G ANP E . 0.70 -22.49 19.73
O2G ANP E . 1.15 -21.00 21.78
O3G ANP E . 2.63 -22.95 21.37
PB ANP E . 3.59 -19.71 20.47
O1B ANP E . 2.69 -18.52 20.21
O2B ANP E . 3.91 -20.10 21.89
N3B ANP E . 2.78 -21.04 19.73
PA ANP E . 6.02 -20.38 19.22
O1A ANP E . 5.43 -21.77 19.38
O2A ANP E . 7.33 -20.04 19.90
O3A ANP E . 4.97 -19.29 19.74
O5' ANP E . 6.14 -19.97 17.68
C5' ANP E . 6.43 -20.92 16.65
C4' ANP E . 7.56 -20.48 15.70
O4' ANP E . 7.13 -19.54 14.70
C3' ANP E . 8.79 -19.84 16.34
O3' ANP E . 9.78 -20.74 16.83
C2' ANP E . 9.36 -19.09 15.16
O2' ANP E . 9.96 -20.04 14.28
C1' ANP E . 8.11 -18.48 14.55
N9 ANP E . 7.83 -17.27 15.38
C8 ANP E . 6.82 -17.13 16.27
N7 ANP E . 6.88 -15.93 16.89
C5 ANP E . 7.94 -15.31 16.42
C6 ANP E . 8.53 -14.02 16.66
N6 ANP E . 7.97 -13.21 17.56
N1 ANP E . 9.64 -13.71 15.99
C2 ANP E . 10.19 -14.54 15.09
N3 ANP E . 9.66 -15.75 14.82
C4 ANP E . 8.56 -16.17 15.43
MG MG F . 3.59 -22.62 22.90
PG ANP G . -24.66 1.39 0.34
O1G ANP G . -25.78 2.29 -0.20
O2G ANP G . -24.60 0.04 -0.34
O3G ANP G . -24.55 1.31 1.84
PB ANP G . -22.53 1.89 -1.70
O1B ANP G . -23.66 1.90 -2.67
O2B ANP G . -21.74 0.63 -1.58
N3B ANP G . -23.18 2.19 -0.11
PA ANP G . -21.72 4.48 -2.30
O1A ANP G . -21.78 4.81 -3.77
O2A ANP G . -22.90 4.88 -1.46
O3A ANP G . -21.42 2.93 -2.17
O5' ANP G . -20.34 5.04 -1.65
C5' ANP G . -20.25 6.23 -0.87
C4' ANP G . -19.01 7.04 -1.25
O4' ANP G . -17.80 6.33 -1.01
C3' ANP G . -18.93 7.44 -2.72
O3' ANP G . -19.61 8.67 -3.00
C2' ANP G . -17.47 7.64 -2.95
O2' ANP G . -17.15 8.99 -2.60
C1' ANP G . -16.81 6.63 -2.02
N9 ANP G . -16.49 5.42 -2.82
C8 ANP G . -17.00 4.20 -2.61
N7 ANP G . -16.55 3.30 -3.50
C5 ANP G . -15.74 3.94 -4.32
C6 ANP G . -14.94 3.55 -5.48
N6 ANP G . -14.95 2.27 -5.91
N1 ANP G . -14.21 4.51 -6.08
C2 ANP G . -14.21 5.79 -5.63
N3 ANP G . -14.93 6.20 -4.57
C4 ANP G . -15.70 5.33 -3.87
MG MG H . -26.35 1.95 -2.04
#